data_8E9U
#
_entry.id   8E9U
#
_cell.length_a   143.830
_cell.length_b   143.830
_cell.length_c   81.570
_cell.angle_alpha   90.000
_cell.angle_beta   90.000
_cell.angle_gamma   120.000
#
_symmetry.space_group_name_H-M   'P 63'
#
loop_
_entity.id
_entity.type
_entity.pdbx_description
1 polymer 'Aspartate aminotransferase'
2 non-polymer "PYRIDOXAL-5'-PHOSPHATE"
3 non-polymer 'SULFATE ION'
4 water water
#
_entity_poly.entity_id   1
_entity_poly.type   'polypeptide(L)'
_entity_poly.pdbx_seq_one_letter_code
;MAHHHHHHVGTFENITAAPADPILGLADLFRADERPGKINLGIGLYYDETGKIPVLTSVKKAEQYLLENETTKLYLGIDG
IPEFGRCTQELLFGKGSALINDKRARTAQTPGGSGALRVAADFLAKNTSVKRVWVSNPSWPNHKSVFNSAGLEVREYAYY
DAENHTLDFDALINSLNEAQAGDVVLFHGCCHNPTGIDPTLEQWQTLAQLSVEKGWLPLFDFAYQGFARGLEEDAEGLRA
FAAMHKELIVASSYSKNFGLYNERVGACTLVAADSETVDRAFSQMKAAIRANYSSPPAHGASVVATILSNDALRAIWEQE
LTDMRQRIQRMRQLFVNTLQEKGANRDFSFIIKQNGMFSFSGLTKEQVLRLREEFGVYAVASGRVNVAGMTPDNMAPLCE
AIVAVL
;
_entity_poly.pdbx_strand_id   A,B
#
loop_
_chem_comp.id
_chem_comp.type
_chem_comp.name
_chem_comp.formula
PLP non-polymer PYRIDOXAL-5'-PHOSPHATE 'C8 H10 N O6 P'
SO4 non-polymer 'SULFATE ION' 'O4 S -2'
#
# COMPACT_ATOMS: atom_id res chain seq x y z
N VAL A 9 -24.18 -16.32 -17.16
CA VAL A 9 -23.81 -14.95 -17.49
C VAL A 9 -22.66 -14.52 -16.58
N GLY A 10 -21.48 -14.35 -17.17
CA GLY A 10 -20.30 -14.02 -16.38
C GLY A 10 -20.30 -12.57 -15.93
N THR A 11 -19.79 -12.36 -14.71
CA THR A 11 -19.67 -11.01 -14.16
C THR A 11 -18.61 -10.19 -14.88
N PHE A 12 -17.58 -10.83 -15.39
CA PHE A 12 -16.47 -10.12 -16.02
C PHE A 12 -16.65 -9.90 -17.53
N GLU A 13 -17.81 -10.26 -18.10
CA GLU A 13 -17.94 -10.21 -19.55
C GLU A 13 -18.17 -8.78 -20.05
N ASN A 14 -18.92 -7.98 -19.32
CA ASN A 14 -19.20 -6.60 -19.74
C ASN A 14 -18.06 -5.63 -19.49
N ILE A 15 -16.90 -6.09 -19.02
CA ILE A 15 -15.83 -5.19 -18.62
C ILE A 15 -15.14 -4.62 -19.87
N THR A 16 -14.93 -3.31 -19.87
CA THR A 16 -14.16 -2.64 -20.92
C THR A 16 -12.70 -2.58 -20.50
N ALA A 17 -11.81 -2.92 -21.43
CA ALA A 17 -10.38 -2.85 -21.14
C ALA A 17 -9.96 -1.44 -20.77
N ALA A 18 -9.03 -1.34 -19.85
CA ALA A 18 -8.51 -0.04 -19.46
C ALA A 18 -7.48 0.44 -20.47
N PRO A 19 -7.45 1.73 -20.76
CA PRO A 19 -6.38 2.28 -21.60
C PRO A 19 -5.02 2.09 -20.95
N ALA A 20 -3.98 2.30 -21.74
CA ALA A 20 -2.63 2.13 -21.25
C ALA A 20 -2.23 3.36 -20.44
N ASP A 21 -1.51 3.13 -19.37
CA ASP A 21 -1.02 4.24 -18.57
C ASP A 21 -0.06 5.07 -19.40
N PRO A 22 -0.21 6.40 -19.45
CA PRO A 22 0.63 7.21 -20.35
C PRO A 22 2.11 7.13 -20.04
N ILE A 23 2.48 6.73 -18.82
CA ILE A 23 3.87 6.62 -18.42
C ILE A 23 4.30 5.16 -18.31
N LEU A 24 3.54 4.34 -17.59
CA LEU A 24 3.94 2.94 -17.42
C LEU A 24 3.75 2.14 -18.71
N GLY A 25 2.73 2.45 -19.50
CA GLY A 25 2.61 1.78 -20.79
C GLY A 25 3.79 2.05 -21.69
N LEU A 26 4.39 3.23 -21.55
CA LEU A 26 5.57 3.55 -22.34
C LEU A 26 6.75 2.68 -21.95
N ALA A 27 6.96 2.50 -20.64
CA ALA A 27 8.06 1.68 -20.17
C ALA A 27 7.89 0.22 -20.55
N ASP A 28 6.65 -0.24 -20.77
CA ASP A 28 6.46 -1.60 -21.26
C ASP A 28 6.86 -1.71 -22.73
N LEU A 29 6.52 -0.71 -23.55
CA LEU A 29 7.01 -0.71 -24.94
C LEU A 29 8.53 -0.70 -24.98
N PHE A 30 9.16 0.08 -24.10
CA PHE A 30 10.61 0.18 -24.09
C PHE A 30 11.25 -1.18 -23.79
N ARG A 31 10.71 -1.92 -22.81
CA ARG A 31 11.30 -3.21 -22.46
C ARG A 31 11.17 -4.23 -23.58
N ALA A 32 10.17 -4.07 -24.47
CA ALA A 32 9.97 -4.99 -25.57
C ALA A 32 10.84 -4.66 -26.78
N ASP A 33 11.29 -3.42 -26.90
CA ASP A 33 12.00 -2.98 -28.10
C ASP A 33 13.32 -3.74 -28.21
N GLU A 34 13.50 -4.43 -29.33
CA GLU A 34 14.71 -5.20 -29.56
C GLU A 34 15.85 -4.38 -30.15
N ARG A 35 15.61 -3.12 -30.50
CA ARG A 35 16.62 -2.38 -31.25
C ARG A 35 17.74 -1.93 -30.33
N PRO A 36 19.00 -2.14 -30.72
CA PRO A 36 20.10 -1.71 -29.85
C PRO A 36 20.28 -0.20 -29.85
N GLY A 37 20.65 0.34 -28.69
CA GLY A 37 20.86 1.75 -28.55
C GLY A 37 19.64 2.54 -28.19
N LYS A 38 18.52 1.88 -27.91
CA LYS A 38 17.32 2.57 -27.46
C LYS A 38 17.61 3.36 -26.19
N ILE A 39 16.89 4.46 -26.03
CA ILE A 39 17.14 5.44 -24.97
C ILE A 39 15.82 5.71 -24.28
N ASN A 40 15.80 5.54 -22.96
CA ASN A 40 14.58 5.71 -22.19
C ASN A 40 14.60 7.06 -21.47
N LEU A 41 13.83 8.01 -21.96
CA LEU A 41 13.65 9.30 -21.30
C LEU A 41 12.24 9.46 -20.75
N GLY A 42 11.57 8.35 -20.44
CA GLY A 42 10.21 8.42 -19.95
C GLY A 42 10.09 8.58 -18.45
N ILE A 43 9.85 7.45 -17.78
CA ILE A 43 9.56 7.46 -16.35
C ILE A 43 10.64 8.18 -15.55
N GLY A 44 10.21 8.82 -14.46
CA GLY A 44 11.09 9.64 -13.65
C GLY A 44 11.98 8.87 -12.70
N LEU A 45 13.00 8.23 -13.24
CA LEU A 45 14.03 7.59 -12.46
C LEU A 45 15.32 8.38 -12.56
N TYR A 46 16.08 8.40 -11.47
CA TYR A 46 17.42 8.95 -11.50
C TYR A 46 18.39 7.90 -12.02
N TYR A 47 19.09 8.22 -13.10
CA TYR A 47 20.20 7.41 -13.60
C TYR A 47 21.53 8.09 -13.26
N ASP A 48 22.54 7.26 -12.97
CA ASP A 48 23.88 7.79 -12.75
C ASP A 48 24.60 7.94 -14.09
N GLU A 49 25.88 8.33 -14.05
N GLU A 49 25.87 8.31 -14.05
CA GLU A 49 26.57 8.67 -15.30
CA GLU A 49 26.63 8.65 -15.25
C GLU A 49 26.83 7.46 -16.18
C GLU A 49 26.80 7.46 -16.18
N THR A 50 26.60 6.24 -15.69
CA THR A 50 26.77 5.04 -16.51
C THR A 50 25.44 4.45 -16.97
N GLY A 51 24.33 5.13 -16.72
CA GLY A 51 23.05 4.62 -17.22
C GLY A 51 22.39 3.60 -16.33
N LYS A 52 22.79 3.53 -15.07
CA LYS A 52 22.19 2.61 -14.13
C LYS A 52 21.43 3.38 -13.06
N ILE A 53 20.56 2.65 -12.36
CA ILE A 53 19.66 3.18 -11.36
C ILE A 53 20.11 2.60 -10.02
N PRO A 54 21.06 3.21 -9.34
CA PRO A 54 21.73 2.53 -8.22
C PRO A 54 21.01 2.69 -6.89
N VAL A 55 21.37 1.81 -5.96
CA VAL A 55 20.97 1.95 -4.57
C VAL A 55 21.98 2.88 -3.91
N LEU A 56 21.50 3.86 -3.16
CA LEU A 56 22.43 4.77 -2.48
C LEU A 56 23.25 3.99 -1.46
N THR A 57 24.46 4.48 -1.22
CA THR A 57 25.31 3.91 -0.17
C THR A 57 24.68 4.04 1.21
N SER A 58 24.14 5.21 1.52
CA SER A 58 23.46 5.42 2.81
C SER A 58 22.35 4.40 2.99
N VAL A 59 21.64 4.08 1.91
CA VAL A 59 20.56 3.10 1.99
C VAL A 59 21.13 1.70 2.26
N LYS A 60 22.22 1.31 1.58
CA LYS A 60 22.79 -0.01 1.85
C LYS A 60 23.29 -0.12 3.28
N LYS A 61 23.95 0.92 3.79
CA LYS A 61 24.40 0.92 5.18
C LYS A 61 23.22 0.71 6.12
N ALA A 62 22.12 1.42 5.87
CA ALA A 62 20.95 1.31 6.74
C ALA A 62 20.33 -0.07 6.67
N GLU A 63 20.28 -0.66 5.47
CA GLU A 63 19.72 -2.00 5.34
C GLU A 63 20.60 -3.04 6.03
N GLN A 64 21.92 -2.86 6.01
CA GLN A 64 22.79 -3.75 6.79
C GLN A 64 22.45 -3.66 8.28
N TYR A 65 22.28 -2.44 8.78
CA TYR A 65 21.95 -2.26 10.20
C TYR A 65 20.62 -2.94 10.56
N LEU A 66 19.60 -2.77 9.70
CA LEU A 66 18.33 -3.42 9.96
C LEU A 66 18.46 -4.94 9.94
N LEU A 67 19.23 -5.48 9.00
CA LEU A 67 19.36 -6.93 8.95
C LEU A 67 19.92 -7.47 10.25
N GLU A 68 20.92 -6.79 10.81
CA GLU A 68 21.59 -7.28 12.01
C GLU A 68 20.76 -7.04 13.27
N ASN A 69 19.89 -6.02 13.28
CA ASN A 69 19.24 -5.64 14.52
C ASN A 69 17.74 -5.89 14.59
N GLU A 70 17.06 -6.15 13.48
CA GLU A 70 15.63 -6.44 13.57
C GLU A 70 15.40 -7.79 14.22
N THR A 71 14.53 -7.82 15.24
CA THR A 71 14.19 -9.06 15.92
C THR A 71 12.78 -9.55 15.64
N THR A 72 11.98 -8.78 14.91
CA THR A 72 10.56 -9.10 14.74
C THR A 72 10.07 -8.36 13.51
N LYS A 73 9.05 -8.92 12.86
CA LYS A 73 8.31 -8.22 11.81
C LYS A 73 6.89 -7.87 12.26
N LEU A 74 6.65 -7.83 13.57
CA LEU A 74 5.39 -7.36 14.12
C LEU A 74 4.83 -6.15 13.40
N TYR A 75 3.51 -6.15 13.22
CA TYR A 75 2.82 -5.07 12.53
C TYR A 75 3.18 -3.69 13.11
N LEU A 76 3.43 -2.72 12.24
CA LEU A 76 3.41 -1.33 12.65
C LEU A 76 1.99 -0.90 13.00
N GLY A 77 1.88 0.16 13.80
CA GLY A 77 0.61 0.86 13.92
C GLY A 77 0.15 1.41 12.58
N ILE A 78 -1.16 1.71 12.52
CA ILE A 78 -1.79 2.19 11.29
C ILE A 78 -1.01 3.34 10.69
N ASP A 79 -0.52 4.25 11.54
CA ASP A 79 0.19 5.43 11.06
C ASP A 79 1.69 5.22 10.91
N GLY A 80 2.23 4.05 11.23
CA GLY A 80 3.61 3.74 10.87
C GLY A 80 4.60 4.05 11.97
N ILE A 81 5.87 4.15 11.59
CA ILE A 81 6.96 4.32 12.55
C ILE A 81 6.90 5.76 13.09
N PRO A 82 6.83 5.95 14.40
CA PRO A 82 6.71 7.33 14.92
C PRO A 82 7.89 8.24 14.57
N GLU A 83 9.13 7.76 14.71
N GLU A 83 9.13 7.75 14.69
CA GLU A 83 10.28 8.60 14.37
CA GLU A 83 10.29 8.58 14.36
C GLU A 83 10.21 9.06 12.91
C GLU A 83 10.24 9.04 12.91
N PHE A 84 9.75 8.18 12.02
CA PHE A 84 9.58 8.56 10.62
C PHE A 84 8.66 9.76 10.48
N GLY A 85 7.54 9.79 11.20
CA GLY A 85 6.63 10.92 11.10
C GLY A 85 7.24 12.21 11.61
N ARG A 86 8.00 12.13 12.70
CA ARG A 86 8.60 13.33 13.29
C ARG A 86 9.72 13.88 12.40
N CYS A 87 10.60 13.02 11.90
CA CYS A 87 11.65 13.49 10.99
C CYS A 87 11.03 14.10 9.74
N THR A 88 9.94 13.51 9.25
CA THR A 88 9.23 14.05 8.11
C THR A 88 8.74 15.48 8.38
N GLN A 89 8.15 15.71 9.56
CA GLN A 89 7.64 17.05 9.85
C GLN A 89 8.77 18.07 9.93
N GLU A 90 9.91 17.67 10.51
CA GLU A 90 11.04 18.59 10.55
C GLU A 90 11.52 18.93 9.15
N LEU A 91 11.61 17.93 8.27
CA LEU A 91 12.02 18.19 6.90
C LEU A 91 11.09 19.20 6.23
N LEU A 92 9.77 19.01 6.39
CA LEU A 92 8.80 19.83 5.67
C LEU A 92 8.75 21.24 6.24
N PHE A 93 8.69 21.36 7.58
CA PHE A 93 8.33 22.61 8.24
C PHE A 93 9.49 23.31 8.93
N GLY A 94 10.59 22.62 9.20
CA GLY A 94 11.72 23.24 9.87
C GLY A 94 11.85 22.83 11.33
N LYS A 95 13.09 22.67 11.81
CA LYS A 95 13.33 22.05 13.11
C LYS A 95 12.57 22.75 14.25
N GLY A 96 12.45 24.06 14.18
CA GLY A 96 11.79 24.76 15.28
C GLY A 96 10.40 25.29 14.98
N SER A 97 9.71 24.68 14.01
CA SER A 97 8.46 25.24 13.54
C SER A 97 7.43 25.33 14.65
N ALA A 98 6.62 26.40 14.61
CA ALA A 98 5.52 26.54 15.56
C ALA A 98 4.52 25.42 15.39
N LEU A 99 4.30 24.99 14.13
CA LEU A 99 3.37 23.92 13.84
C LEU A 99 3.71 22.67 14.63
N ILE A 100 4.99 22.39 14.79
CA ILE A 100 5.41 21.21 15.53
C ILE A 100 5.32 21.47 17.03
N ASN A 101 5.76 22.65 17.48
CA ASN A 101 5.69 22.96 18.91
C ASN A 101 4.24 23.01 19.40
N ASP A 102 3.32 23.51 18.59
CA ASP A 102 1.92 23.55 19.00
C ASP A 102 1.19 22.24 18.77
N LYS A 103 1.88 21.23 18.22
CA LYS A 103 1.32 19.89 17.98
C LYS A 103 0.10 19.97 17.07
N ARG A 104 0.22 20.77 16.00
CA ARG A 104 -0.86 20.98 15.05
C ARG A 104 -0.81 20.01 13.87
N ALA A 105 0.22 19.18 13.78
CA ALA A 105 0.41 18.30 12.63
C ALA A 105 0.49 16.85 13.06
N ARG A 106 -0.13 15.97 12.26
N ARG A 106 -0.12 15.98 12.25
CA ARG A 106 -0.01 14.53 12.43
CA ARG A 106 -0.03 14.53 12.41
C ARG A 106 0.34 13.92 11.07
C ARG A 106 0.34 13.92 11.07
N THR A 107 1.22 12.93 11.11
CA THR A 107 1.75 12.31 9.91
C THR A 107 1.50 10.81 9.92
N ALA A 108 0.97 10.31 8.81
CA ALA A 108 0.88 8.90 8.56
C ALA A 108 1.90 8.46 7.52
N GLN A 109 2.65 7.42 7.84
CA GLN A 109 3.47 6.73 6.88
C GLN A 109 2.57 5.99 5.90
N THR A 110 2.83 6.15 4.61
CA THR A 110 1.98 5.59 3.58
C THR A 110 2.82 4.86 2.54
N PRO A 111 2.17 4.04 1.70
CA PRO A 111 2.91 3.39 0.60
C PRO A 111 3.15 4.33 -0.57
N GLY A 112 4.26 5.07 -0.48
CA GLY A 112 4.63 6.06 -1.48
C GLY A 112 3.84 7.34 -1.38
N GLY A 113 4.24 8.30 -2.22
CA GLY A 113 3.45 9.51 -2.37
C GLY A 113 2.11 9.25 -3.01
N SER A 114 2.05 8.29 -3.93
CA SER A 114 0.76 7.90 -4.49
C SER A 114 -0.20 7.48 -3.39
N GLY A 115 0.27 6.61 -2.50
CA GLY A 115 -0.59 6.16 -1.41
C GLY A 115 -0.98 7.28 -0.49
N ALA A 116 -0.10 8.26 -0.30
CA ALA A 116 -0.45 9.40 0.54
C ALA A 116 -1.55 10.22 -0.11
N LEU A 117 -1.52 10.34 -1.43
CA LEU A 117 -2.57 11.08 -2.13
C LEU A 117 -3.91 10.36 -2.04
N ARG A 118 -3.90 9.04 -2.19
CA ARG A 118 -5.14 8.26 -2.08
C ARG A 118 -5.72 8.32 -0.67
N VAL A 119 -4.86 8.22 0.33
CA VAL A 119 -5.32 8.29 1.71
C VAL A 119 -6.00 9.64 1.98
N ALA A 120 -5.40 10.73 1.48
CA ALA A 120 -6.03 12.04 1.65
C ALA A 120 -7.36 12.11 0.91
N ALA A 121 -7.40 11.57 -0.30
CA ALA A 121 -8.63 11.60 -1.09
C ALA A 121 -9.76 10.85 -0.39
N ASP A 122 -9.47 9.64 0.10
CA ASP A 122 -10.50 8.85 0.80
C ASP A 122 -10.97 9.57 2.06
N PHE A 123 -10.01 10.12 2.82
CA PHE A 123 -10.33 10.88 4.02
C PHE A 123 -11.24 12.07 3.71
N LEU A 124 -10.87 12.87 2.71
CA LEU A 124 -11.68 14.05 2.39
C LEU A 124 -13.07 13.63 1.92
N ALA A 125 -13.14 12.63 1.03
CA ALA A 125 -14.44 12.27 0.48
C ALA A 125 -15.38 11.76 1.55
N LYS A 126 -14.86 11.09 2.57
CA LYS A 126 -15.75 10.46 3.52
C LYS A 126 -16.03 11.30 4.75
N ASN A 127 -15.19 12.29 5.07
CA ASN A 127 -15.33 13.00 6.33
C ASN A 127 -15.52 14.50 6.22
N THR A 128 -15.59 15.05 5.02
CA THR A 128 -15.69 16.49 4.83
C THR A 128 -16.69 16.75 3.70
N SER A 129 -16.98 18.03 3.47
CA SER A 129 -17.88 18.39 2.38
C SER A 129 -17.11 18.81 1.13
N VAL A 130 -15.82 18.46 1.06
CA VAL A 130 -15.03 18.72 -0.13
C VAL A 130 -15.62 17.94 -1.29
N LYS A 131 -15.96 18.65 -2.36
CA LYS A 131 -16.47 18.02 -3.57
C LYS A 131 -15.51 18.12 -4.74
N ARG A 132 -14.50 18.99 -4.64
CA ARG A 132 -13.78 19.43 -5.83
C ARG A 132 -12.32 19.68 -5.51
N VAL A 133 -11.44 19.16 -6.37
CA VAL A 133 -9.99 19.32 -6.26
C VAL A 133 -9.52 20.01 -7.54
N TRP A 134 -8.68 21.02 -7.39
CA TRP A 134 -8.13 21.78 -8.52
C TRP A 134 -6.68 21.38 -8.73
N VAL A 135 -6.34 21.01 -9.98
N VAL A 135 -6.34 20.96 -9.95
CA VAL A 135 -5.02 20.52 -10.37
CA VAL A 135 -4.98 20.58 -10.30
C VAL A 135 -4.50 21.34 -11.54
C VAL A 135 -4.50 21.42 -11.47
N SER A 136 -3.19 21.58 -11.57
CA SER A 136 -2.60 22.33 -12.67
C SER A 136 -2.79 21.56 -13.98
N ASN A 137 -2.89 22.32 -15.05
CA ASN A 137 -2.83 21.77 -16.39
C ASN A 137 -1.56 22.31 -17.04
N PRO A 138 -0.54 21.49 -17.29
CA PRO A 138 -0.51 20.05 -17.09
C PRO A 138 -0.11 19.67 -15.67
N SER A 139 -0.28 18.40 -15.31
CA SER A 139 0.19 17.87 -14.03
C SER A 139 0.63 16.43 -14.26
N TRP A 140 1.03 15.76 -13.20
CA TRP A 140 1.23 14.32 -13.23
C TRP A 140 -0.07 13.64 -13.61
N PRO A 141 -0.10 12.80 -14.66
CA PRO A 141 -1.39 12.23 -15.09
C PRO A 141 -2.12 11.45 -14.01
N ASN A 142 -1.43 10.83 -13.06
CA ASN A 142 -2.13 10.04 -12.06
C ASN A 142 -2.88 10.87 -11.02
N HIS A 143 -2.69 12.20 -10.96
CA HIS A 143 -3.42 12.98 -9.98
C HIS A 143 -4.92 12.83 -10.16
N LYS A 144 -5.40 12.98 -11.39
CA LYS A 144 -6.83 12.92 -11.64
C LYS A 144 -7.40 11.56 -11.25
N SER A 145 -6.67 10.48 -11.52
CA SER A 145 -7.17 9.15 -11.22
C SER A 145 -7.33 8.93 -9.73
N VAL A 146 -6.38 9.44 -8.95
CA VAL A 146 -6.42 9.18 -7.52
C VAL A 146 -7.63 9.86 -6.90
N PHE A 147 -7.85 11.13 -7.22
CA PHE A 147 -8.97 11.84 -6.62
C PHE A 147 -10.30 11.36 -7.17
N ASN A 148 -10.35 11.03 -8.48
CA ASN A 148 -11.56 10.45 -9.03
C ASN A 148 -11.88 9.10 -8.39
N SER A 149 -10.87 8.35 -7.96
CA SER A 149 -11.17 7.04 -7.39
C SER A 149 -11.96 7.18 -6.08
N ALA A 150 -11.85 8.32 -5.41
CA ALA A 150 -12.68 8.57 -4.24
C ALA A 150 -13.96 9.31 -4.61
N GLY A 151 -14.22 9.50 -5.90
CA GLY A 151 -15.44 10.15 -6.33
C GLY A 151 -15.37 11.66 -6.30
N LEU A 152 -14.18 12.23 -6.27
CA LEU A 152 -14.05 13.68 -6.24
C LEU A 152 -13.93 14.24 -7.65
N GLU A 153 -14.64 15.33 -7.90
CA GLU A 153 -14.50 16.06 -9.14
C GLU A 153 -13.15 16.74 -9.19
N VAL A 154 -12.47 16.68 -10.33
CA VAL A 154 -11.18 17.31 -10.52
C VAL A 154 -11.32 18.33 -11.64
N ARG A 155 -11.05 19.59 -11.31
CA ARG A 155 -10.99 20.67 -12.30
C ARG A 155 -9.54 21.07 -12.51
N GLU A 156 -9.26 21.73 -13.62
CA GLU A 156 -7.91 22.11 -13.97
C GLU A 156 -7.75 23.62 -13.94
N TYR A 157 -6.58 24.09 -13.47
CA TYR A 157 -6.24 25.49 -13.55
C TYR A 157 -5.04 25.68 -14.47
N ALA A 158 -4.97 26.87 -15.08
CA ALA A 158 -3.91 27.16 -16.04
C ALA A 158 -2.59 27.35 -15.32
N TYR A 159 -1.51 26.97 -15.98
CA TYR A 159 -0.22 26.99 -15.29
C TYR A 159 0.93 27.41 -16.19
N TYR A 160 1.01 26.84 -17.38
CA TYR A 160 2.21 26.93 -18.22
C TYR A 160 1.99 27.83 -19.43
N ASP A 161 2.97 28.70 -19.68
CA ASP A 161 3.01 29.56 -20.87
C ASP A 161 3.92 28.82 -21.85
N ALA A 162 3.32 28.08 -22.78
CA ALA A 162 4.07 27.32 -23.74
C ALA A 162 4.73 28.19 -24.80
N GLU A 163 4.45 29.50 -24.79
CA GLU A 163 5.11 30.44 -25.70
C GLU A 163 6.44 30.90 -25.13
N ASN A 164 6.44 31.39 -23.89
CA ASN A 164 7.63 31.87 -23.20
C ASN A 164 8.32 30.81 -22.35
N HIS A 165 7.78 29.59 -22.27
CA HIS A 165 8.34 28.54 -21.42
C HIS A 165 8.51 29.05 -19.98
N THR A 166 7.42 29.57 -19.43
CA THR A 166 7.43 30.22 -18.15
C THR A 166 6.09 29.98 -17.48
N LEU A 167 6.03 30.30 -16.18
CA LEU A 167 4.78 30.24 -15.45
C LEU A 167 3.87 31.35 -15.94
N ASP A 168 2.63 31.00 -16.32
CA ASP A 168 1.65 32.00 -16.73
C ASP A 168 0.87 32.40 -15.49
N PHE A 169 1.45 33.31 -14.71
CA PHE A 169 0.90 33.62 -13.39
C PHE A 169 -0.44 34.33 -13.52
N ASP A 170 -0.60 35.16 -14.55
CA ASP A 170 -1.86 35.87 -14.77
C ASP A 170 -2.99 34.90 -15.07
N ALA A 171 -2.74 33.90 -15.91
CA ALA A 171 -3.76 32.91 -16.24
C ALA A 171 -4.02 31.99 -15.05
N LEU A 172 -2.97 31.65 -14.29
CA LEU A 172 -3.15 30.88 -13.06
C LEU A 172 -4.12 31.58 -12.12
N ILE A 173 -3.90 32.88 -11.87
CA ILE A 173 -4.77 33.62 -10.95
C ILE A 173 -6.19 33.66 -11.47
N ASN A 174 -6.35 34.06 -12.74
CA ASN A 174 -7.68 34.17 -13.31
C ASN A 174 -8.41 32.83 -13.35
N SER A 175 -7.69 31.75 -13.67
CA SER A 175 -8.38 30.48 -13.80
C SER A 175 -8.78 29.88 -12.46
N LEU A 176 -8.21 30.35 -11.34
CA LEU A 176 -8.62 29.88 -10.01
C LEU A 176 -9.71 30.74 -9.41
N ASN A 177 -10.25 31.68 -10.19
CA ASN A 177 -11.26 32.59 -9.69
C ASN A 177 -12.50 31.85 -9.20
N GLU A 178 -12.89 30.77 -9.89
CA GLU A 178 -14.10 30.04 -9.52
C GLU A 178 -13.84 28.91 -8.51
N ALA A 179 -12.61 28.76 -8.01
CA ALA A 179 -12.38 27.82 -6.92
C ALA A 179 -12.92 28.42 -5.62
N GLN A 180 -13.85 27.71 -4.99
CA GLN A 180 -14.66 28.24 -3.92
C GLN A 180 -14.08 27.89 -2.57
N ALA A 181 -14.54 28.61 -1.54
CA ALA A 181 -14.17 28.24 -0.19
C ALA A 181 -14.49 26.75 0.02
N GLY A 182 -13.54 26.03 0.60
CA GLY A 182 -13.71 24.62 0.82
C GLY A 182 -13.36 23.72 -0.33
N ASP A 183 -12.97 24.27 -1.49
CA ASP A 183 -12.36 23.45 -2.52
C ASP A 183 -10.92 23.15 -2.14
N VAL A 184 -10.42 22.04 -2.64
CA VAL A 184 -9.01 21.72 -2.51
C VAL A 184 -8.27 22.25 -3.72
N VAL A 185 -7.12 22.87 -3.48
CA VAL A 185 -6.23 23.29 -4.55
C VAL A 185 -4.90 22.59 -4.37
N LEU A 186 -4.48 21.85 -5.40
CA LEU A 186 -3.26 21.06 -5.34
C LEU A 186 -2.10 21.85 -5.92
N PHE A 187 -1.01 21.94 -5.15
CA PHE A 187 0.22 22.58 -5.59
C PHE A 187 1.37 21.58 -5.54
N HIS A 188 2.24 21.63 -6.53
CA HIS A 188 3.50 20.90 -6.45
C HIS A 188 4.49 21.72 -5.63
N GLY A 189 5.12 21.08 -4.63
CA GLY A 189 5.94 21.84 -3.71
C GLY A 189 7.17 22.41 -4.35
N CYS A 190 7.79 21.65 -5.26
CA CYS A 190 8.89 22.10 -6.10
C CYS A 190 9.03 21.09 -7.23
N CYS A 191 9.85 21.46 -8.22
CA CYS A 191 10.10 20.60 -9.37
C CYS A 191 8.79 20.15 -10.02
N HIS A 192 8.01 21.15 -10.41
CA HIS A 192 6.71 20.87 -11.01
C HIS A 192 6.85 19.80 -12.08
N ASN A 193 5.95 18.81 -12.03
CA ASN A 193 5.88 17.73 -12.98
C ASN A 193 4.65 17.92 -13.85
N PRO A 194 4.76 18.16 -15.17
CA PRO A 194 5.97 17.96 -15.97
C PRO A 194 6.83 19.14 -16.40
N THR A 195 6.53 20.35 -15.96
CA THR A 195 7.12 21.51 -16.63
C THR A 195 8.47 21.92 -16.05
N GLY A 196 8.77 21.53 -14.82
CA GLY A 196 9.96 22.00 -14.14
C GLY A 196 9.94 23.49 -13.82
N ILE A 197 8.80 24.16 -13.98
CA ILE A 197 8.65 25.57 -13.65
C ILE A 197 7.97 25.70 -12.30
N ASP A 198 8.61 26.38 -11.36
CA ASP A 198 8.07 26.56 -10.03
C ASP A 198 7.79 28.04 -9.77
N PRO A 199 6.82 28.35 -8.90
CA PRO A 199 6.66 29.75 -8.50
C PRO A 199 7.90 30.26 -7.79
N THR A 200 8.18 31.55 -7.97
CA THR A 200 9.17 32.19 -7.12
C THR A 200 8.62 32.36 -5.71
N LEU A 201 9.50 32.76 -4.79
CA LEU A 201 9.06 32.99 -3.42
C LEU A 201 7.98 34.07 -3.36
N GLU A 202 8.13 35.13 -4.15
N GLU A 202 8.13 35.14 -4.15
CA GLU A 202 7.12 36.19 -4.13
CA GLU A 202 7.12 36.19 -4.13
C GLU A 202 5.80 35.69 -4.69
C GLU A 202 5.80 35.67 -4.68
N GLN A 203 5.85 34.83 -5.72
CA GLN A 203 4.63 34.25 -6.26
C GLN A 203 3.97 33.31 -5.25
N TRP A 204 4.77 32.47 -4.55
CA TRP A 204 4.22 31.63 -3.50
C TRP A 204 3.51 32.46 -2.43
N GLN A 205 4.13 33.56 -2.01
CA GLN A 205 3.54 34.40 -0.97
C GLN A 205 2.22 34.99 -1.45
N THR A 206 2.18 35.41 -2.71
CA THR A 206 0.94 35.93 -3.28
C THR A 206 -0.13 34.85 -3.28
N LEU A 207 0.24 33.64 -3.69
CA LEU A 207 -0.71 32.53 -3.69
C LEU A 207 -1.19 32.20 -2.28
N ALA A 208 -0.29 32.29 -1.30
CA ALA A 208 -0.68 32.00 0.07
C ALA A 208 -1.75 32.98 0.57
N GLN A 209 -1.55 34.27 0.30
CA GLN A 209 -2.52 35.27 0.73
C GLN A 209 -3.86 35.04 0.06
N LEU A 210 -3.84 34.78 -1.25
CA LEU A 210 -5.08 34.59 -1.97
C LEU A 210 -5.82 33.35 -1.49
N SER A 211 -5.07 32.28 -1.23
N SER A 211 -5.08 32.28 -1.19
CA SER A 211 -5.68 31.05 -0.71
CA SER A 211 -5.72 31.06 -0.72
C SER A 211 -6.44 31.32 0.59
C SER A 211 -6.43 31.28 0.61
N VAL A 212 -5.85 32.10 1.50
CA VAL A 212 -6.51 32.32 2.78
C VAL A 212 -7.74 33.21 2.60
N GLU A 213 -7.66 34.19 1.70
CA GLU A 213 -8.82 35.05 1.47
C GLU A 213 -9.96 34.29 0.81
N LYS A 214 -9.66 33.35 -0.08
CA LYS A 214 -10.69 32.61 -0.77
C LYS A 214 -11.15 31.37 -0.01
N GLY A 215 -10.46 30.98 1.06
CA GLY A 215 -10.90 29.84 1.83
C GLY A 215 -10.58 28.49 1.22
N TRP A 216 -9.54 28.41 0.40
CA TRP A 216 -9.17 27.12 -0.15
C TRP A 216 -8.49 26.25 0.90
N LEU A 217 -8.60 24.93 0.70
CA LEU A 217 -7.79 23.97 1.44
C LEU A 217 -6.59 23.57 0.59
N PRO A 218 -5.39 24.02 0.91
CA PRO A 218 -4.22 23.65 0.10
C PRO A 218 -3.79 22.22 0.36
N LEU A 219 -3.41 21.54 -0.72
CA LEU A 219 -2.83 20.20 -0.65
C LEU A 219 -1.53 20.27 -1.43
N PHE A 220 -0.41 20.07 -0.75
CA PHE A 220 0.89 20.07 -1.42
C PHE A 220 1.31 18.64 -1.73
N ASP A 221 1.70 18.40 -2.97
CA ASP A 221 2.36 17.17 -3.39
C ASP A 221 3.86 17.46 -3.46
N PHE A 222 4.62 16.80 -2.57
N PHE A 222 4.67 16.74 -2.68
CA PHE A 222 6.06 16.95 -2.43
CA PHE A 222 6.08 17.09 -2.48
C PHE A 222 6.73 15.64 -2.79
C PHE A 222 6.96 15.85 -2.74
N ALA A 223 7.12 15.49 -4.03
CA ALA A 223 7.84 14.29 -4.44
C ALA A 223 9.32 14.51 -4.73
N TYR A 224 9.80 15.76 -4.75
CA TYR A 224 11.16 16.03 -5.23
C TYR A 224 11.91 16.98 -4.30
N GLN A 225 11.65 16.95 -3.00
CA GLN A 225 12.35 17.86 -2.12
C GLN A 225 13.86 17.60 -2.17
N GLY A 226 14.62 18.65 -2.48
CA GLY A 226 16.06 18.57 -2.60
C GLY A 226 16.59 18.55 -4.02
N PHE A 227 15.70 18.45 -5.01
CA PHE A 227 16.11 18.39 -6.41
C PHE A 227 16.10 19.72 -7.12
N ALA A 228 15.57 20.78 -6.51
CA ALA A 228 15.57 22.10 -7.16
C ALA A 228 16.82 22.85 -6.72
N ARG A 229 16.86 23.27 -5.45
CA ARG A 229 17.99 24.02 -4.93
C ARG A 229 18.61 23.41 -3.67
N GLY A 230 17.83 22.75 -2.83
CA GLY A 230 18.31 22.21 -1.56
C GLY A 230 17.11 21.81 -0.74
N LEU A 231 17.38 21.10 0.37
CA LEU A 231 16.27 20.56 1.16
C LEU A 231 15.43 21.67 1.77
N GLU A 232 16.08 22.65 2.41
CA GLU A 232 15.36 23.73 3.06
C GLU A 232 14.76 24.70 2.05
N GLU A 233 15.54 25.04 1.01
CA GLU A 233 15.04 26.02 0.05
C GLU A 233 13.83 25.50 -0.71
N ASP A 234 13.79 24.21 -1.00
CA ASP A 234 12.69 23.68 -1.79
C ASP A 234 11.38 23.70 -1.01
N ALA A 235 11.46 23.81 0.31
CA ALA A 235 10.28 23.85 1.17
C ALA A 235 9.81 25.27 1.46
N GLU A 236 10.44 26.29 0.88
CA GLU A 236 10.05 27.66 1.22
C GLU A 236 8.60 27.95 0.85
N GLY A 237 8.14 27.48 -0.32
CA GLY A 237 6.76 27.74 -0.69
C GLY A 237 5.78 27.16 0.30
N LEU A 238 5.98 25.89 0.66
CA LEU A 238 5.15 25.25 1.67
C LEU A 238 5.15 26.01 2.98
N ARG A 239 6.32 26.47 3.42
CA ARG A 239 6.42 27.16 4.70
C ARG A 239 5.77 28.53 4.65
N ALA A 240 5.71 29.14 3.48
CA ALA A 240 4.95 30.39 3.36
C ALA A 240 3.46 30.13 3.54
N PHE A 241 2.95 29.03 2.97
CA PHE A 241 1.56 28.65 3.22
C PHE A 241 1.33 28.29 4.67
N ALA A 242 2.25 27.53 5.28
CA ALA A 242 2.03 27.04 6.63
C ALA A 242 2.03 28.17 7.65
N ALA A 243 2.72 29.28 7.36
CA ALA A 243 2.72 30.42 8.26
C ALA A 243 1.35 31.11 8.31
N MET A 244 0.51 30.88 7.29
CA MET A 244 -0.74 31.62 7.15
C MET A 244 -1.99 30.76 7.27
N HIS A 245 -1.92 29.45 7.05
CA HIS A 245 -3.12 28.65 7.04
C HIS A 245 -3.37 27.94 8.37
N LYS A 246 -4.66 27.77 8.68
CA LYS A 246 -5.04 26.92 9.80
C LYS A 246 -4.97 25.45 9.42
N GLU A 247 -5.28 25.13 8.16
CA GLU A 247 -5.48 23.76 7.70
C GLU A 247 -4.72 23.54 6.40
N LEU A 248 -4.02 22.41 6.30
CA LEU A 248 -3.45 22.02 5.02
C LEU A 248 -3.10 20.53 5.09
N ILE A 249 -2.80 19.98 3.91
CA ILE A 249 -2.43 18.58 3.76
C ILE A 249 -1.18 18.52 2.89
N VAL A 250 -0.21 17.71 3.28
CA VAL A 250 1.00 17.49 2.51
C VAL A 250 1.12 16.01 2.22
N ALA A 251 1.20 15.65 0.94
CA ALA A 251 1.57 14.31 0.53
C ALA A 251 3.04 14.38 0.13
N SER A 252 3.90 13.58 0.76
CA SER A 252 5.30 13.61 0.39
C SER A 252 5.77 12.22 0.05
N SER A 253 6.86 12.17 -0.72
CA SER A 253 7.45 10.93 -1.19
C SER A 253 8.95 10.93 -0.94
N TYR A 254 9.47 9.76 -0.60
CA TYR A 254 10.91 9.53 -0.51
C TYR A 254 11.40 8.63 -1.64
N SER A 255 10.54 8.38 -2.63
CA SER A 255 10.91 7.49 -3.73
C SER A 255 12.13 8.02 -4.46
N LYS A 256 12.13 9.31 -4.76
CA LYS A 256 13.11 9.91 -5.63
C LYS A 256 14.33 10.37 -4.87
N ASN A 257 14.15 11.04 -3.73
CA ASN A 257 15.33 11.62 -3.09
C ASN A 257 16.09 10.62 -2.22
N PHE A 258 15.56 9.41 -2.02
CA PHE A 258 16.32 8.30 -1.44
C PHE A 258 16.55 7.16 -2.42
N GLY A 259 16.11 7.29 -3.68
CA GLY A 259 16.21 6.17 -4.60
C GLY A 259 15.56 4.91 -4.08
N LEU A 260 14.45 5.05 -3.36
CA LEU A 260 13.73 3.92 -2.76
C LEU A 260 12.41 3.62 -3.48
N TYR A 261 12.36 3.91 -4.78
CA TYR A 261 11.13 3.78 -5.55
C TYR A 261 10.28 2.57 -5.18
N ASN A 262 10.86 1.37 -5.26
CA ASN A 262 10.00 0.19 -5.14
C ASN A 262 9.72 -0.23 -3.70
N GLU A 263 10.18 0.49 -2.69
CA GLU A 263 9.82 0.15 -1.32
C GLU A 263 8.60 0.92 -0.81
N ARG A 264 8.11 1.89 -1.58
CA ARG A 264 6.86 2.63 -1.32
C ARG A 264 6.89 3.35 0.03
N VAL A 265 7.63 4.45 0.06
CA VAL A 265 7.88 5.21 1.28
C VAL A 265 7.37 6.61 1.03
N GLY A 266 6.31 6.97 1.72
CA GLY A 266 5.76 8.29 1.64
C GLY A 266 5.07 8.63 2.93
N ALA A 267 4.43 9.79 2.96
CA ALA A 267 3.77 10.26 4.15
C ALA A 267 2.63 11.19 3.79
N CYS A 268 1.56 11.10 4.56
CA CYS A 268 0.48 12.06 4.51
C CYS A 268 0.44 12.82 5.83
N THR A 269 0.61 14.14 5.75
CA THR A 269 0.60 15.01 6.92
C THR A 269 -0.63 15.91 6.90
N LEU A 270 -1.33 15.92 8.03
CA LEU A 270 -2.51 16.74 8.27
C LEU A 270 -2.15 17.86 9.23
N VAL A 271 -2.62 19.07 8.94
CA VAL A 271 -2.43 20.23 9.80
C VAL A 271 -3.81 20.82 10.05
N ALA A 272 -4.14 21.07 11.31
CA ALA A 272 -5.39 21.71 11.66
C ALA A 272 -5.11 22.85 12.63
N ALA A 273 -6.19 23.47 13.12
CA ALA A 273 -6.03 24.72 13.86
C ALA A 273 -5.34 24.49 15.18
N ASP A 274 -5.61 23.36 15.82
CA ASP A 274 -5.04 23.08 17.12
C ASP A 274 -4.90 21.58 17.31
N SER A 275 -4.32 21.23 18.45
CA SER A 275 -3.99 19.84 18.72
C SER A 275 -5.22 18.96 18.75
N GLU A 276 -6.27 19.42 19.43
CA GLU A 276 -7.45 18.59 19.61
C GLU A 276 -8.15 18.34 18.28
N THR A 277 -8.20 19.34 17.41
CA THR A 277 -8.84 19.17 16.10
C THR A 277 -8.07 18.19 15.22
N VAL A 278 -6.74 18.34 15.15
CA VAL A 278 -5.98 17.46 14.26
C VAL A 278 -6.02 16.03 14.76
N ASP A 279 -6.09 15.83 16.08
CA ASP A 279 -6.19 14.47 16.60
C ASP A 279 -7.52 13.83 16.21
N ARG A 280 -8.61 14.59 16.29
CA ARG A 280 -9.92 14.10 15.87
C ARG A 280 -9.91 13.74 14.39
N ALA A 281 -9.43 14.66 13.56
CA ALA A 281 -9.37 14.41 12.12
C ALA A 281 -8.46 13.24 11.80
N PHE A 282 -7.31 13.15 12.47
CA PHE A 282 -6.38 12.08 12.19
C PHE A 282 -6.97 10.72 12.52
N SER A 283 -7.87 10.66 13.52
CA SER A 283 -8.46 9.36 13.85
C SER A 283 -9.31 8.84 12.69
N GLN A 284 -9.87 9.75 11.89
CA GLN A 284 -10.62 9.36 10.70
C GLN A 284 -9.70 9.05 9.54
N MET A 285 -8.54 9.70 9.46
CA MET A 285 -7.55 9.29 8.47
C MET A 285 -7.07 7.88 8.74
N LYS A 286 -6.86 7.53 10.02
CA LYS A 286 -6.44 6.16 10.35
C LYS A 286 -7.53 5.17 9.97
N ALA A 287 -8.81 5.54 10.13
CA ALA A 287 -9.87 4.63 9.72
C ALA A 287 -9.88 4.44 8.20
N ALA A 288 -9.53 5.47 7.43
CA ALA A 288 -9.47 5.29 5.98
C ALA A 288 -8.32 4.37 5.57
N ILE A 289 -7.20 4.43 6.30
CA ILE A 289 -6.07 3.54 6.03
C ILE A 289 -6.44 2.11 6.38
N ARG A 290 -7.14 1.92 7.51
CA ARG A 290 -7.48 0.58 7.97
C ARG A 290 -8.36 -0.16 6.97
N ALA A 291 -9.29 0.55 6.31
CA ALA A 291 -10.14 -0.04 5.28
C ALA A 291 -9.45 -0.18 3.93
N ASN A 292 -8.16 0.18 3.83
CA ASN A 292 -7.43 0.10 2.59
C ASN A 292 -6.37 -0.98 2.76
N TYR A 293 -5.14 -0.65 3.15
CA TYR A 293 -4.07 -1.63 3.32
C TYR A 293 -3.71 -1.90 4.78
N SER A 294 -4.42 -1.26 5.73
N SER A 294 -4.47 -1.33 5.72
CA SER A 294 -4.39 -1.58 7.15
CA SER A 294 -4.39 -1.55 7.17
C SER A 294 -3.17 -1.04 7.91
C SER A 294 -3.16 -0.91 7.82
N SER A 295 -1.96 -1.35 7.46
CA SER A 295 -0.76 -0.73 8.01
C SER A 295 0.32 -0.73 6.94
N PRO A 296 1.27 0.19 7.00
CA PRO A 296 2.17 0.42 5.87
C PRO A 296 3.37 -0.51 5.91
N PRO A 297 4.09 -0.63 4.80
CA PRO A 297 5.27 -1.50 4.76
C PRO A 297 6.46 -0.92 5.51
N ALA A 298 7.12 -1.77 6.30
CA ALA A 298 8.14 -1.30 7.23
C ALA A 298 9.50 -1.03 6.59
N HIS A 299 9.98 -1.86 5.66
CA HIS A 299 11.41 -1.83 5.31
C HIS A 299 11.86 -0.46 4.82
N GLY A 300 11.16 0.10 3.84
CA GLY A 300 11.61 1.36 3.24
C GLY A 300 11.61 2.50 4.23
N ALA A 301 10.52 2.62 5.01
CA ALA A 301 10.42 3.68 6.01
C ALA A 301 11.41 3.49 7.14
N SER A 302 11.75 2.24 7.49
CA SER A 302 12.79 2.02 8.50
C SER A 302 14.13 2.54 8.01
N VAL A 303 14.44 2.29 6.73
CA VAL A 303 15.67 2.82 6.15
C VAL A 303 15.71 4.33 6.31
N VAL A 304 14.65 5.01 5.87
CA VAL A 304 14.62 6.47 5.89
C VAL A 304 14.78 6.98 7.33
N ALA A 305 14.02 6.39 8.26
CA ALA A 305 14.09 6.84 9.64
C ALA A 305 15.48 6.60 10.23
N THR A 306 16.12 5.50 9.85
CA THR A 306 17.48 5.23 10.33
C THR A 306 18.46 6.29 9.83
N ILE A 307 18.37 6.63 8.54
CA ILE A 307 19.28 7.61 7.96
C ILE A 307 19.05 8.99 8.56
N LEU A 308 17.78 9.40 8.69
CA LEU A 308 17.49 10.76 9.13
C LEU A 308 17.83 10.97 10.59
N SER A 309 17.82 9.91 11.38
N SER A 309 17.79 9.93 11.40
CA SER A 309 18.05 9.99 12.82
CA SER A 309 18.06 10.09 12.82
C SER A 309 19.48 9.67 13.22
C SER A 309 19.54 9.98 13.16
N ASN A 310 20.37 9.42 12.27
CA ASN A 310 21.78 9.15 12.55
C ASN A 310 22.62 10.21 11.82
N ASP A 311 23.35 11.02 12.59
CA ASP A 311 24.05 12.17 12.01
C ASP A 311 25.02 11.75 10.91
N ALA A 312 25.70 10.62 11.10
CA ALA A 312 26.70 10.19 10.14
C ALA A 312 26.05 9.70 8.85
N LEU A 313 24.98 8.90 8.97
CA LEU A 313 24.31 8.43 7.78
C LEU A 313 23.63 9.58 7.06
N ARG A 314 23.05 10.50 7.83
CA ARG A 314 22.36 11.63 7.25
C ARG A 314 23.31 12.48 6.41
N ALA A 315 24.55 12.66 6.86
CA ALA A 315 25.49 13.48 6.10
C ALA A 315 25.91 12.78 4.81
N ILE A 316 26.03 11.45 4.83
CA ILE A 316 26.27 10.72 3.60
C ILE A 316 25.12 10.94 2.63
N TRP A 317 23.89 10.77 3.12
CA TRP A 317 22.72 10.93 2.26
C TRP A 317 22.65 12.34 1.66
N GLU A 318 22.88 13.38 2.47
CA GLU A 318 22.74 14.73 1.93
C GLU A 318 23.74 14.98 0.80
N GLN A 319 24.94 14.40 0.91
CA GLN A 319 25.91 14.55 -0.17
C GLN A 319 25.49 13.76 -1.39
N GLU A 320 24.95 12.56 -1.18
CA GLU A 320 24.46 11.77 -2.32
C GLU A 320 23.34 12.50 -3.04
N LEU A 321 22.44 13.12 -2.29
CA LEU A 321 21.35 13.88 -2.90
C LEU A 321 21.89 15.08 -3.67
N THR A 322 22.92 15.73 -3.14
CA THR A 322 23.56 16.84 -3.84
C THR A 322 24.21 16.40 -5.15
N ASP A 323 24.91 15.26 -5.11
N ASP A 323 24.88 15.22 -5.13
CA ASP A 323 25.51 14.76 -6.33
CA ASP A 323 25.48 14.62 -6.33
C ASP A 323 24.44 14.43 -7.38
C ASP A 323 24.43 14.49 -7.43
N MET A 324 23.29 13.92 -6.94
N MET A 324 23.33 14.02 -7.05
CA MET A 324 22.20 13.71 -7.89
CA MET A 324 22.25 13.74 -7.98
C MET A 324 21.78 15.04 -8.51
C MET A 324 21.64 15.03 -8.54
N ARG A 325 21.41 16.01 -7.66
CA ARG A 325 20.94 17.30 -8.14
C ARG A 325 21.93 17.92 -9.12
N GLN A 326 23.22 17.82 -8.82
CA GLN A 326 24.20 18.47 -9.66
C GLN A 326 24.41 17.74 -10.97
N ARG A 327 24.34 16.41 -10.98
CA ARG A 327 24.43 15.70 -12.25
C ARG A 327 23.31 16.15 -13.20
N ILE A 328 22.10 16.28 -12.67
CA ILE A 328 20.97 16.66 -13.52
C ILE A 328 21.18 18.06 -14.10
N GLN A 329 21.63 19.01 -13.29
CA GLN A 329 21.87 20.37 -13.78
C GLN A 329 22.96 20.38 -14.84
N ARG A 330 24.00 19.56 -14.65
N ARG A 330 24.01 19.58 -14.64
CA ARG A 330 25.06 19.47 -15.64
CA ARG A 330 25.06 19.46 -15.64
C ARG A 330 24.54 18.86 -16.94
C ARG A 330 24.51 18.89 -16.95
N MET A 331 23.62 17.89 -16.85
CA MET A 331 23.03 17.33 -18.07
C MET A 331 22.15 18.36 -18.78
N ARG A 332 21.39 19.17 -18.01
CA ARG A 332 20.59 20.22 -18.64
C ARG A 332 21.45 21.11 -19.52
N GLN A 333 22.62 21.51 -19.01
CA GLN A 333 23.53 22.37 -19.75
C GLN A 333 24.11 21.65 -20.97
N LEU A 334 24.54 20.39 -20.81
CA LEU A 334 25.11 19.62 -21.90
C LEU A 334 24.08 19.36 -23.01
N PHE A 335 22.82 19.09 -22.63
CA PHE A 335 21.73 18.92 -23.60
C PHE A 335 21.58 20.14 -24.50
N VAL A 336 21.45 21.34 -23.90
CA VAL A 336 21.31 22.55 -24.70
C VAL A 336 22.52 22.74 -25.61
N ASN A 337 23.74 22.52 -25.08
CA ASN A 337 24.95 22.74 -25.85
C ASN A 337 25.03 21.78 -27.03
N THR A 338 24.74 20.49 -26.79
CA THR A 338 24.84 19.49 -27.85
C THR A 338 23.76 19.69 -28.91
N LEU A 339 22.56 20.16 -28.53
CA LEU A 339 21.54 20.48 -29.53
C LEU A 339 22.05 21.55 -30.48
N GLN A 340 22.68 22.60 -29.95
CA GLN A 340 23.27 23.61 -30.81
C GLN A 340 24.33 23.00 -31.70
N GLU A 341 25.22 22.20 -31.10
CA GLU A 341 26.32 21.60 -31.86
C GLU A 341 25.77 20.72 -32.97
N LYS A 342 24.68 20.01 -32.71
CA LYS A 342 24.14 19.12 -33.74
C LYS A 342 23.23 19.84 -34.72
N GLY A 343 23.06 21.15 -34.61
CA GLY A 343 22.41 21.93 -35.64
C GLY A 343 20.98 22.38 -35.37
N ALA A 344 20.50 22.34 -34.13
CA ALA A 344 19.16 22.83 -33.88
C ALA A 344 19.13 24.34 -34.07
N ASN A 345 18.13 24.82 -34.78
CA ASN A 345 17.87 26.25 -34.89
C ASN A 345 16.84 26.74 -33.89
N ARG A 346 16.05 25.84 -33.30
CA ARG A 346 15.17 26.22 -32.21
C ARG A 346 16.00 26.49 -30.96
N ASP A 347 15.62 27.53 -30.23
CA ASP A 347 16.33 27.90 -29.01
C ASP A 347 15.79 27.08 -27.84
N PHE A 348 16.68 26.27 -27.24
CA PHE A 348 16.31 25.39 -26.12
C PHE A 348 16.84 25.92 -24.78
N SER A 349 17.26 27.19 -24.75
N SER A 349 17.26 27.19 -24.75
CA SER A 349 17.87 27.74 -23.54
CA SER A 349 17.88 27.74 -23.55
C SER A 349 16.94 27.72 -22.34
C SER A 349 16.95 27.72 -22.35
N PHE A 350 15.62 27.70 -22.57
CA PHE A 350 14.68 27.66 -21.45
C PHE A 350 14.87 26.42 -20.57
N ILE A 351 15.40 25.33 -21.15
CA ILE A 351 15.68 24.10 -20.41
C ILE A 351 16.51 24.37 -19.17
N ILE A 352 17.45 25.33 -19.26
CA ILE A 352 18.35 25.61 -18.15
C ILE A 352 17.65 26.27 -16.96
N LYS A 353 16.50 26.90 -17.18
CA LYS A 353 15.74 27.57 -16.13
C LYS A 353 14.80 26.63 -15.41
N GLN A 354 14.65 25.41 -15.89
CA GLN A 354 13.70 24.46 -15.34
C GLN A 354 14.38 23.61 -14.29
N ASN A 355 13.57 23.16 -13.34
CA ASN A 355 14.04 22.48 -12.13
C ASN A 355 13.61 21.03 -12.09
N GLY A 356 14.53 20.18 -11.64
CA GLY A 356 14.21 18.82 -11.32
C GLY A 356 14.57 17.86 -12.42
N MET A 357 13.85 16.75 -12.47
CA MET A 357 14.15 15.70 -13.42
C MET A 357 13.62 15.98 -14.81
N PHE A 358 12.56 16.78 -14.93
CA PHE A 358 11.79 16.84 -16.15
C PHE A 358 11.79 18.21 -16.77
N SER A 359 11.84 18.24 -18.09
CA SER A 359 11.47 19.43 -18.84
C SER A 359 10.48 19.11 -19.93
N PHE A 360 9.61 20.09 -20.17
CA PHE A 360 8.74 20.12 -21.33
C PHE A 360 9.61 20.51 -22.52
N SER A 361 9.87 19.56 -23.42
CA SER A 361 10.74 19.84 -24.56
C SER A 361 10.10 20.78 -25.58
N GLY A 362 8.77 20.85 -25.62
CA GLY A 362 8.10 21.55 -26.68
C GLY A 362 7.92 20.75 -27.95
N LEU A 363 8.25 19.47 -27.94
CA LEU A 363 7.96 18.64 -29.09
C LEU A 363 6.47 18.28 -29.10
N THR A 364 5.95 18.09 -30.32
CA THR A 364 4.57 17.68 -30.56
C THR A 364 4.41 16.17 -30.38
N LYS A 365 3.17 15.71 -30.27
CA LYS A 365 2.94 14.28 -30.15
C LYS A 365 3.49 13.56 -31.37
N GLU A 366 3.34 14.18 -32.55
CA GLU A 366 3.82 13.61 -33.79
C GLU A 366 5.33 13.42 -33.76
N GLN A 367 6.07 14.41 -33.23
CA GLN A 367 7.52 14.32 -33.16
C GLN A 367 7.98 13.30 -32.12
N VAL A 368 7.25 13.19 -31.00
CA VAL A 368 7.55 12.17 -30.01
C VAL A 368 7.36 10.77 -30.59
N LEU A 369 6.29 10.58 -31.36
CA LEU A 369 6.07 9.31 -32.04
C LEU A 369 7.23 8.99 -33.00
N ARG A 370 7.63 9.97 -33.82
CA ARG A 370 8.76 9.73 -34.74
C ARG A 370 10.00 9.31 -33.97
N LEU A 371 10.31 10.02 -32.88
CA LEU A 371 11.48 9.69 -32.08
C LEU A 371 11.44 8.24 -31.64
N ARG A 372 10.28 7.80 -31.16
CA ARG A 372 10.16 6.42 -30.69
C ARG A 372 10.29 5.45 -31.86
N GLU A 373 9.56 5.67 -32.94
CA GLU A 373 9.47 4.64 -33.97
C GLU A 373 10.66 4.65 -34.90
N GLU A 374 11.28 5.80 -35.13
CA GLU A 374 12.38 5.93 -36.05
C GLU A 374 13.75 5.83 -35.39
N PHE A 375 13.87 6.27 -34.14
CA PHE A 375 15.19 6.42 -33.52
C PHE A 375 15.32 5.65 -32.22
N GLY A 376 14.25 5.02 -31.73
CA GLY A 376 14.35 4.27 -30.49
C GLY A 376 14.50 5.12 -29.26
N VAL A 377 14.07 6.38 -29.32
CA VAL A 377 14.14 7.32 -28.20
C VAL A 377 12.74 7.49 -27.65
N TYR A 378 12.58 7.27 -26.33
CA TYR A 378 11.29 7.15 -25.69
C TYR A 378 11.05 8.32 -24.75
N ALA A 379 10.10 9.17 -25.08
CA ALA A 379 9.61 10.20 -24.19
C ALA A 379 8.10 10.05 -24.05
N VAL A 380 7.55 10.75 -23.07
CA VAL A 380 6.10 10.77 -22.90
C VAL A 380 5.48 11.63 -23.99
N ALA A 381 4.22 11.31 -24.33
CA ALA A 381 3.59 11.88 -25.53
C ALA A 381 3.34 13.38 -25.42
N SER A 382 3.40 13.94 -24.21
CA SER A 382 3.30 15.38 -24.00
C SER A 382 4.60 16.13 -24.31
N GLY A 383 5.66 15.42 -24.64
CA GLY A 383 6.95 16.04 -24.83
C GLY A 383 7.80 16.13 -23.58
N ARG A 384 7.34 15.60 -22.45
CA ARG A 384 8.17 15.57 -21.26
C ARG A 384 9.35 14.61 -21.46
N VAL A 385 10.56 15.09 -21.20
CA VAL A 385 11.73 14.24 -21.24
C VAL A 385 12.34 14.19 -19.86
N ASN A 386 12.86 13.02 -19.49
CA ASN A 386 13.60 12.86 -18.24
C ASN A 386 15.06 13.18 -18.50
N VAL A 387 15.49 14.37 -18.06
CA VAL A 387 16.87 14.81 -18.17
C VAL A 387 17.80 13.93 -17.35
N ALA A 388 17.30 13.37 -16.25
CA ALA A 388 18.13 12.50 -15.44
C ALA A 388 18.40 11.16 -16.11
N GLY A 389 17.76 10.87 -17.24
CA GLY A 389 18.13 9.71 -18.04
C GLY A 389 19.19 9.98 -19.09
N MET A 390 19.63 11.22 -19.20
CA MET A 390 20.69 11.59 -20.13
C MET A 390 22.04 11.34 -19.51
N THR A 391 22.96 10.80 -20.32
CA THR A 391 24.33 10.55 -19.90
C THR A 391 25.28 11.09 -20.95
N PRO A 392 26.56 11.25 -20.58
CA PRO A 392 27.58 11.63 -21.58
C PRO A 392 27.66 10.66 -22.75
N ASP A 393 27.30 9.40 -22.54
CA ASP A 393 27.37 8.41 -23.61
C ASP A 393 26.15 8.43 -24.54
N ASN A 394 24.96 8.79 -24.06
CA ASN A 394 23.80 8.78 -24.94
C ASN A 394 23.42 10.17 -25.44
N MET A 395 24.16 11.21 -25.07
CA MET A 395 23.72 12.57 -25.37
C MET A 395 23.79 12.86 -26.87
N ALA A 396 24.91 12.53 -27.52
CA ALA A 396 25.03 12.84 -28.94
C ALA A 396 23.96 12.12 -29.77
N PRO A 397 23.77 10.80 -29.63
CA PRO A 397 22.72 10.17 -30.44
C PRO A 397 21.33 10.72 -30.15
N LEU A 398 21.02 10.98 -28.88
CA LEU A 398 19.76 11.62 -28.53
C LEU A 398 19.57 12.95 -29.23
N CYS A 399 20.59 13.80 -29.23
CA CYS A 399 20.45 15.12 -29.85
C CYS A 399 20.34 15.01 -31.37
N GLU A 400 21.08 14.09 -31.99
CA GLU A 400 20.92 13.89 -33.43
C GLU A 400 19.49 13.50 -33.77
N ALA A 401 18.89 12.63 -32.96
CA ALA A 401 17.50 12.25 -33.17
C ALA A 401 16.57 13.45 -33.11
N ILE A 402 16.68 14.26 -32.06
CA ILE A 402 15.78 15.41 -31.91
C ILE A 402 15.93 16.35 -33.09
N VAL A 403 17.17 16.77 -33.37
CA VAL A 403 17.40 17.63 -34.53
C VAL A 403 16.77 17.04 -35.78
N ALA A 404 16.73 15.70 -35.91
CA ALA A 404 16.20 15.12 -37.14
C ALA A 404 14.68 15.27 -37.25
N VAL A 405 13.95 15.39 -36.13
CA VAL A 405 12.50 15.51 -36.21
C VAL A 405 12.01 16.94 -36.05
N LEU A 406 12.91 17.91 -35.94
CA LEU A 406 12.51 19.30 -35.77
C LEU A 406 12.07 19.92 -37.09
N VAL B 9 -13.97 29.37 8.69
CA VAL B 9 -14.71 28.16 8.96
C VAL B 9 -13.95 26.93 8.46
N GLY B 10 -13.30 26.23 9.37
CA GLY B 10 -12.38 25.17 8.97
C GLY B 10 -13.09 23.96 8.41
N THR B 11 -12.43 23.32 7.43
CA THR B 11 -12.94 22.08 6.87
C THR B 11 -12.85 20.92 7.86
N PHE B 12 -11.91 20.95 8.80
CA PHE B 12 -11.74 19.83 9.70
C PHE B 12 -12.47 20.02 11.04
N GLU B 13 -13.13 21.16 11.26
CA GLU B 13 -13.59 21.48 12.60
C GLU B 13 -14.70 20.56 13.10
N ASN B 14 -15.55 20.07 12.19
CA ASN B 14 -16.74 19.33 12.61
C ASN B 14 -16.59 17.84 12.38
N ILE B 15 -15.36 17.38 12.16
CA ILE B 15 -15.16 15.95 12.00
C ILE B 15 -15.35 15.27 13.34
N THR B 16 -16.03 14.13 13.34
CA THR B 16 -16.22 13.33 14.53
C THR B 16 -15.11 12.30 14.66
N ALA B 17 -14.69 12.04 15.89
CA ALA B 17 -13.66 11.04 16.14
C ALA B 17 -14.15 9.67 15.68
N ALA B 18 -13.23 8.89 15.13
CA ALA B 18 -13.52 7.52 14.74
C ALA B 18 -13.50 6.62 15.98
N PRO B 19 -14.36 5.61 16.01
CA PRO B 19 -14.28 4.63 17.11
C PRO B 19 -13.03 3.79 16.97
N ALA B 20 -12.60 3.21 18.09
CA ALA B 20 -11.40 2.39 18.06
C ALA B 20 -11.64 1.10 17.29
N ASP B 21 -10.60 0.64 16.64
CA ASP B 21 -10.62 -0.66 16.00
C ASP B 21 -10.77 -1.76 17.05
N PRO B 22 -11.70 -2.70 16.88
CA PRO B 22 -11.89 -3.73 17.91
C PRO B 22 -10.67 -4.60 18.16
N ILE B 23 -9.72 -4.66 17.22
CA ILE B 23 -8.51 -5.42 17.38
C ILE B 23 -7.31 -4.52 17.65
N LEU B 24 -7.11 -3.49 16.81
CA LEU B 24 -5.94 -2.63 16.98
C LEU B 24 -6.09 -1.68 18.16
N GLY B 25 -7.31 -1.29 18.50
CA GLY B 25 -7.49 -0.51 19.73
C GLY B 25 -7.06 -1.30 20.96
N LEU B 26 -7.33 -2.60 20.97
CA LEU B 26 -6.92 -3.45 22.09
C LEU B 26 -5.40 -3.55 22.17
N ALA B 27 -4.73 -3.65 21.03
CA ALA B 27 -3.27 -3.69 21.03
C ALA B 27 -2.67 -2.42 21.62
N ASP B 28 -3.27 -1.26 21.36
CA ASP B 28 -2.78 -0.02 21.95
C ASP B 28 -2.92 -0.05 23.48
N LEU B 29 -4.10 -0.42 23.99
CA LEU B 29 -4.29 -0.57 25.42
C LEU B 29 -3.25 -1.52 26.02
N PHE B 30 -3.02 -2.66 25.37
CA PHE B 30 -2.07 -3.62 25.91
C PHE B 30 -0.67 -3.02 26.00
N ARG B 31 -0.23 -2.32 24.94
CA ARG B 31 1.08 -1.68 24.99
C ARG B 31 1.18 -0.71 26.17
N ALA B 32 0.13 0.08 26.43
CA ALA B 32 0.21 1.09 27.48
C ALA B 32 0.10 0.49 28.89
N ASP B 33 -0.33 -0.76 29.00
CA ASP B 33 -0.62 -1.36 30.29
C ASP B 33 0.67 -1.58 31.06
N GLU B 34 0.73 -1.05 32.26
CA GLU B 34 1.99 -1.09 33.00
C GLU B 34 2.20 -2.36 33.79
N ARG B 35 1.23 -3.26 33.83
CA ARG B 35 1.42 -4.41 34.70
C ARG B 35 2.35 -5.44 34.06
N PRO B 36 3.29 -6.00 34.83
CA PRO B 36 4.26 -6.92 34.22
C PRO B 36 3.66 -8.26 33.79
N GLY B 37 2.64 -8.76 34.47
CA GLY B 37 2.09 -10.03 34.04
C GLY B 37 1.11 -10.04 32.87
N LYS B 38 0.97 -8.94 32.13
CA LYS B 38 -0.09 -8.86 31.13
C LYS B 38 0.12 -9.88 30.03
N ILE B 39 -0.99 -10.37 29.48
CA ILE B 39 -0.96 -11.41 28.47
C ILE B 39 -1.79 -10.97 27.28
N ASN B 40 -1.22 -11.09 26.08
CA ASN B 40 -1.87 -10.65 24.85
C ASN B 40 -2.36 -11.84 24.04
N LEU B 41 -3.69 -12.06 24.08
CA LEU B 41 -4.37 -13.05 23.26
C LEU B 41 -5.32 -12.40 22.25
N GLY B 42 -5.06 -11.14 21.89
CA GLY B 42 -5.88 -10.43 20.93
C GLY B 42 -5.43 -10.65 19.50
N ILE B 43 -4.61 -9.73 19.00
CA ILE B 43 -4.23 -9.73 17.60
C ILE B 43 -3.51 -11.02 17.19
N GLY B 44 -3.80 -11.49 15.97
CA GLY B 44 -3.26 -12.74 15.49
C GLY B 44 -1.80 -12.73 15.12
N LEU B 45 -0.93 -12.79 16.12
CA LEU B 45 0.50 -12.93 15.94
C LEU B 45 0.95 -14.30 16.41
N TYR B 46 1.92 -14.88 15.70
CA TYR B 46 2.54 -16.12 16.18
C TYR B 46 3.64 -15.80 17.19
N TYR B 47 3.50 -16.35 18.39
CA TYR B 47 4.55 -16.32 19.40
C TYR B 47 5.21 -17.69 19.47
N ASP B 48 6.52 -17.71 19.69
CA ASP B 48 7.22 -18.97 19.90
C ASP B 48 7.12 -19.38 21.37
N GLU B 49 7.72 -20.51 21.72
CA GLU B 49 7.56 -21.03 23.09
C GLU B 49 8.05 -20.04 24.14
N THR B 50 8.89 -19.08 23.79
CA THR B 50 9.47 -18.17 24.77
C THR B 50 8.77 -16.81 24.83
N GLY B 51 7.68 -16.63 24.11
CA GLY B 51 6.98 -15.37 24.13
C GLY B 51 7.50 -14.33 23.17
N LYS B 52 8.39 -14.69 22.26
CA LYS B 52 8.90 -13.78 21.26
C LYS B 52 8.10 -13.91 19.98
N ILE B 53 8.15 -12.88 19.14
CA ILE B 53 7.51 -12.90 17.82
C ILE B 53 8.65 -12.86 16.81
N PRO B 54 9.25 -14.00 16.48
CA PRO B 54 10.55 -13.97 15.81
C PRO B 54 10.47 -13.81 14.30
N VAL B 55 11.60 -13.43 13.72
CA VAL B 55 11.80 -13.52 12.28
C VAL B 55 12.19 -14.95 11.97
N LEU B 56 11.56 -15.55 10.96
CA LEU B 56 11.93 -16.91 10.58
C LEU B 56 13.35 -16.96 10.01
N THR B 57 14.01 -18.10 10.18
CA THR B 57 15.37 -18.27 9.69
C THR B 57 15.43 -18.21 8.17
N SER B 58 14.46 -18.84 7.49
CA SER B 58 14.37 -18.72 6.04
C SER B 58 14.34 -17.26 5.60
N VAL B 59 13.61 -16.42 6.35
CA VAL B 59 13.47 -15.01 6.00
C VAL B 59 14.77 -14.24 6.24
N LYS B 60 15.41 -14.44 7.40
CA LYS B 60 16.71 -13.79 7.61
C LYS B 60 17.70 -14.15 6.50
N LYS B 61 17.73 -15.41 6.08
CA LYS B 61 18.67 -15.83 5.03
C LYS B 61 18.31 -15.19 3.69
N ALA B 62 17.03 -15.15 3.36
CA ALA B 62 16.62 -14.51 2.11
C ALA B 62 16.96 -13.02 2.12
N GLU B 63 16.80 -12.35 3.27
CA GLU B 63 17.12 -10.93 3.36
C GLU B 63 18.61 -10.67 3.21
N GLN B 64 19.44 -11.57 3.75
CA GLN B 64 20.89 -11.43 3.57
C GLN B 64 21.25 -11.55 2.09
N TYR B 65 20.65 -12.50 1.37
CA TYR B 65 20.87 -12.59 -0.06
C TYR B 65 20.47 -11.29 -0.76
N LEU B 66 19.29 -10.74 -0.43
CA LEU B 66 18.85 -9.51 -1.08
C LEU B 66 19.82 -8.37 -0.79
N LEU B 67 20.22 -8.21 0.48
CA LEU B 67 21.16 -7.15 0.81
C LEU B 67 22.39 -7.19 -0.07
N GLU B 68 22.94 -8.38 -0.30
CA GLU B 68 24.22 -8.45 -1.00
C GLU B 68 24.08 -8.52 -2.51
N ASN B 69 22.89 -8.76 -3.06
CA ASN B 69 22.74 -8.91 -4.50
C ASN B 69 21.87 -7.84 -5.16
N GLU B 70 21.03 -7.14 -4.40
CA GLU B 70 20.21 -6.08 -4.95
C GLU B 70 21.05 -4.95 -5.49
N THR B 71 20.85 -4.63 -6.77
CA THR B 71 21.54 -3.52 -7.41
C THR B 71 20.66 -2.32 -7.72
N THR B 72 19.33 -2.43 -7.57
CA THR B 72 18.46 -1.29 -7.87
C THR B 72 17.19 -1.40 -7.06
N LYS B 73 16.53 -0.24 -6.85
CA LYS B 73 15.21 -0.20 -6.25
C LYS B 73 14.16 0.32 -7.24
N LEU B 74 14.41 0.21 -8.54
CA LEU B 74 13.46 0.72 -9.51
C LEU B 74 12.10 0.05 -9.38
N TYR B 75 11.05 0.83 -9.68
CA TYR B 75 9.69 0.38 -9.46
C TYR B 75 9.43 -1.00 -10.04
N LEU B 76 8.72 -1.81 -9.28
CA LEU B 76 8.07 -2.98 -9.86
C LEU B 76 6.95 -2.50 -10.79
N GLY B 77 6.53 -3.39 -11.67
CA GLY B 77 5.30 -3.17 -12.39
C GLY B 77 4.12 -3.11 -11.46
N ILE B 78 2.99 -2.62 -11.99
CA ILE B 78 1.79 -2.44 -11.20
C ILE B 78 1.41 -3.73 -10.47
N ASP B 79 1.60 -4.87 -11.13
CA ASP B 79 1.21 -6.15 -10.55
C ASP B 79 2.34 -6.83 -9.79
N GLY B 80 3.52 -6.23 -9.71
CA GLY B 80 4.57 -6.74 -8.84
C GLY B 80 5.46 -7.77 -9.51
N ILE B 81 6.17 -8.53 -8.68
CA ILE B 81 7.23 -9.43 -9.16
C ILE B 81 6.59 -10.63 -9.85
N PRO B 82 6.96 -10.93 -11.09
CA PRO B 82 6.26 -11.99 -11.83
C PRO B 82 6.40 -13.38 -11.21
N GLU B 83 7.59 -13.76 -10.74
N GLU B 83 7.59 -13.73 -10.75
CA GLU B 83 7.75 -15.06 -10.11
CA GLU B 83 7.77 -15.03 -10.11
C GLU B 83 6.98 -15.16 -8.80
C GLU B 83 6.91 -15.15 -8.85
N PHE B 84 6.71 -14.04 -8.14
CA PHE B 84 5.82 -14.06 -6.99
C PHE B 84 4.42 -14.46 -7.41
N GLY B 85 3.93 -13.89 -8.51
CA GLY B 85 2.61 -14.26 -9.00
C GLY B 85 2.52 -15.72 -9.39
N ARG B 86 3.52 -16.23 -10.11
CA ARG B 86 3.50 -17.64 -10.53
C ARG B 86 3.55 -18.58 -9.32
N CYS B 87 4.42 -18.28 -8.34
CA CYS B 87 4.52 -19.16 -7.19
C CYS B 87 3.24 -19.13 -6.36
N THR B 88 2.58 -17.98 -6.30
CA THR B 88 1.31 -17.87 -5.59
C THR B 88 0.23 -18.72 -6.25
N GLN B 89 0.15 -18.68 -7.58
CA GLN B 89 -0.86 -19.48 -8.26
C GLN B 89 -0.60 -20.97 -8.06
N GLU B 90 0.67 -21.39 -8.02
CA GLU B 90 0.97 -22.80 -7.80
C GLU B 90 0.54 -23.23 -6.39
N LEU B 91 0.87 -22.43 -5.38
CA LEU B 91 0.44 -22.75 -4.01
C LEU B 91 -1.07 -22.85 -3.91
N LEU B 92 -1.79 -21.94 -4.60
CA LEU B 92 -3.24 -21.89 -4.47
C LEU B 92 -3.90 -23.07 -5.20
N PHE B 93 -3.51 -23.31 -6.45
CA PHE B 93 -4.23 -24.23 -7.33
C PHE B 93 -3.49 -25.53 -7.61
N GLY B 94 -2.20 -25.61 -7.36
CA GLY B 94 -1.43 -26.83 -7.53
C GLY B 94 -0.50 -26.76 -8.74
N LYS B 95 0.61 -27.51 -8.65
CA LYS B 95 1.70 -27.33 -9.61
C LYS B 95 1.27 -27.55 -11.05
N GLY B 96 0.30 -28.43 -11.30
CA GLY B 96 -0.07 -28.68 -12.67
C GLY B 96 -1.49 -28.31 -13.05
N SER B 97 -2.01 -27.22 -12.49
CA SER B 97 -3.44 -26.92 -12.60
C SER B 97 -3.84 -26.49 -14.00
N ALA B 98 -5.08 -26.82 -14.36
CA ALA B 98 -5.62 -26.41 -15.66
C ALA B 98 -5.94 -24.92 -15.71
N LEU B 99 -6.23 -24.30 -14.56
CA LEU B 99 -6.37 -22.85 -14.55
C LEU B 99 -5.09 -22.17 -15.01
N ILE B 100 -3.95 -22.77 -14.65
CA ILE B 100 -2.66 -22.19 -14.98
C ILE B 100 -2.28 -22.50 -16.42
N ASN B 101 -2.42 -23.75 -16.85
CA ASN B 101 -2.05 -24.10 -18.21
C ASN B 101 -2.98 -23.44 -19.23
N ASP B 102 -4.25 -23.27 -18.88
CA ASP B 102 -5.18 -22.55 -19.74
C ASP B 102 -5.01 -21.04 -19.65
N LYS B 103 -4.10 -20.55 -18.80
CA LYS B 103 -3.82 -19.13 -18.66
C LYS B 103 -5.09 -18.35 -18.26
N ARG B 104 -5.87 -18.93 -17.36
CA ARG B 104 -7.12 -18.35 -16.90
C ARG B 104 -6.96 -17.46 -15.66
N ALA B 105 -5.77 -17.36 -15.10
CA ALA B 105 -5.57 -16.67 -13.84
C ALA B 105 -4.50 -15.60 -13.97
N ARG B 106 -4.74 -14.45 -13.36
N ARG B 106 -4.73 -14.46 -13.34
CA ARG B 106 -3.77 -13.37 -13.27
CA ARG B 106 -3.75 -13.38 -13.28
C ARG B 106 -3.64 -12.98 -11.80
C ARG B 106 -3.64 -12.91 -11.84
N THR B 107 -2.42 -12.68 -11.38
CA THR B 107 -2.16 -12.32 -10.00
C THR B 107 -1.44 -10.98 -9.89
N ALA B 108 -1.91 -10.17 -8.97
CA ALA B 108 -1.27 -8.92 -8.60
C ALA B 108 -0.73 -9.05 -7.19
N GLN B 109 0.54 -8.72 -7.01
CA GLN B 109 1.11 -8.55 -5.68
C GLN B 109 0.52 -7.32 -4.99
N THR B 110 0.12 -7.48 -3.73
CA THR B 110 -0.55 -6.42 -3.00
C THR B 110 0.08 -6.18 -1.64
N PRO B 111 -0.18 -5.02 -1.04
CA PRO B 111 0.26 -4.72 0.35
C PRO B 111 -0.65 -5.44 1.35
N GLY B 112 -0.31 -6.71 1.57
CA GLY B 112 -1.02 -7.55 2.51
C GLY B 112 -2.27 -8.16 1.92
N GLY B 113 -2.87 -9.04 2.71
CA GLY B 113 -4.21 -9.51 2.39
C GLY B 113 -5.24 -8.40 2.47
N SER B 114 -5.09 -7.50 3.44
CA SER B 114 -6.00 -6.35 3.51
C SER B 114 -6.00 -5.60 2.20
N GLY B 115 -4.81 -5.29 1.68
CA GLY B 115 -4.73 -4.57 0.42
C GLY B 115 -5.32 -5.35 -0.75
N ALA B 116 -5.16 -6.67 -0.72
CA ALA B 116 -5.78 -7.50 -1.75
C ALA B 116 -7.30 -7.42 -1.70
N LEU B 117 -7.86 -7.33 -0.48
CA LEU B 117 -9.31 -7.24 -0.34
C LEU B 117 -9.83 -5.89 -0.86
N ARG B 118 -9.13 -4.80 -0.54
CA ARG B 118 -9.54 -3.49 -1.05
C ARG B 118 -9.41 -3.39 -2.57
N VAL B 119 -8.33 -3.93 -3.15
CA VAL B 119 -8.17 -3.92 -4.60
C VAL B 119 -9.33 -4.67 -5.27
N ALA B 120 -9.69 -5.83 -4.74
CA ALA B 120 -10.82 -6.57 -5.30
C ALA B 120 -12.10 -5.77 -5.17
N ALA B 121 -12.29 -5.10 -4.03
CA ALA B 121 -13.53 -4.38 -3.79
C ALA B 121 -13.63 -3.16 -4.71
N ASP B 122 -12.54 -2.42 -4.84
CA ASP B 122 -12.50 -1.32 -5.79
C ASP B 122 -12.76 -1.81 -7.20
N PHE B 123 -12.10 -2.89 -7.61
CA PHE B 123 -12.26 -3.42 -8.95
C PHE B 123 -13.72 -3.81 -9.21
N LEU B 124 -14.33 -4.51 -8.25
CA LEU B 124 -15.72 -4.90 -8.40
C LEU B 124 -16.64 -3.68 -8.49
N ALA B 125 -16.49 -2.72 -7.58
CA ALA B 125 -17.44 -1.62 -7.53
C ALA B 125 -17.31 -0.70 -8.74
N LYS B 126 -16.12 -0.59 -9.33
CA LYS B 126 -15.93 0.36 -10.41
C LYS B 126 -16.15 -0.23 -11.79
N ASN B 127 -16.19 -1.57 -11.92
CA ASN B 127 -16.20 -2.15 -13.26
C ASN B 127 -17.29 -3.18 -13.51
N THR B 128 -18.12 -3.48 -12.53
CA THR B 128 -19.13 -4.52 -12.65
C THR B 128 -20.43 -4.01 -12.06
N SER B 129 -21.45 -4.82 -12.16
CA SER B 129 -22.74 -4.51 -11.59
C SER B 129 -22.90 -5.02 -10.17
N VAL B 130 -21.84 -5.58 -9.57
CA VAL B 130 -21.97 -6.16 -8.24
C VAL B 130 -22.36 -5.06 -7.25
N LYS B 131 -23.36 -5.34 -6.43
CA LYS B 131 -23.79 -4.40 -5.40
C LYS B 131 -23.60 -4.93 -3.99
N ARG B 132 -23.46 -6.25 -3.81
CA ARG B 132 -23.68 -6.91 -2.54
C ARG B 132 -22.58 -7.95 -2.32
N VAL B 133 -21.97 -7.92 -1.14
CA VAL B 133 -21.03 -8.96 -0.70
C VAL B 133 -21.61 -9.66 0.51
N TRP B 134 -21.55 -10.99 0.52
CA TRP B 134 -22.02 -11.80 1.64
C TRP B 134 -20.85 -12.30 2.48
N VAL B 135 -20.90 -12.02 3.78
N VAL B 135 -20.85 -11.97 3.76
CA VAL B 135 -19.82 -12.35 4.71
CA VAL B 135 -19.79 -12.37 4.67
C VAL B 135 -20.39 -13.15 5.87
C VAL B 135 -20.40 -13.20 5.80
N SER B 136 -19.60 -14.09 6.37
CA SER B 136 -20.08 -14.96 7.44
C SER B 136 -20.32 -14.14 8.70
N ASN B 137 -21.32 -14.55 9.47
CA ASN B 137 -21.52 -14.06 10.83
C ASN B 137 -21.12 -15.16 11.82
N PRO B 138 -20.01 -15.02 12.54
CA PRO B 138 -19.12 -13.85 12.57
C PRO B 138 -18.04 -13.92 11.50
N SER B 139 -17.28 -12.84 11.31
CA SER B 139 -16.13 -12.83 10.41
C SER B 139 -15.05 -11.96 11.03
N TRP B 140 -13.94 -11.81 10.30
CA TRP B 140 -12.94 -10.80 10.65
C TRP B 140 -13.62 -9.43 10.64
N PRO B 141 -13.48 -8.62 11.70
CA PRO B 141 -14.25 -7.37 11.73
C PRO B 141 -13.94 -6.43 10.57
N ASN B 142 -12.72 -6.43 10.04
CA ASN B 142 -12.37 -5.49 8.99
C ASN B 142 -13.00 -5.83 7.63
N HIS B 143 -13.62 -7.01 7.47
CA HIS B 143 -14.24 -7.31 6.19
C HIS B 143 -15.31 -6.29 5.83
N LYS B 144 -16.17 -5.96 6.79
CA LYS B 144 -17.24 -5.01 6.50
C LYS B 144 -16.66 -3.64 6.13
N SER B 145 -15.64 -3.18 6.85
CA SER B 145 -15.11 -1.84 6.58
C SER B 145 -14.51 -1.74 5.18
N VAL B 146 -13.77 -2.76 4.75
CA VAL B 146 -13.14 -2.74 3.43
C VAL B 146 -14.20 -2.66 2.34
N PHE B 147 -15.21 -3.54 2.39
CA PHE B 147 -16.20 -3.56 1.31
C PHE B 147 -17.13 -2.35 1.38
N ASN B 148 -17.50 -1.90 2.59
CA ASN B 148 -18.28 -0.68 2.68
C ASN B 148 -17.52 0.51 2.11
N SER B 149 -16.20 0.57 2.31
N SER B 149 -16.19 0.55 2.32
CA SER B 149 -15.49 1.76 1.86
CA SER B 149 -15.43 1.71 1.87
C SER B 149 -15.34 1.82 0.35
C SER B 149 -15.46 1.83 0.35
N ALA B 150 -15.44 0.69 -0.34
CA ALA B 150 -15.47 0.67 -1.79
C ALA B 150 -16.88 0.88 -2.33
N GLY B 151 -17.87 1.03 -1.46
CA GLY B 151 -19.22 1.33 -1.87
C GLY B 151 -20.10 0.13 -2.07
N LEU B 152 -19.73 -1.03 -1.54
CA LEU B 152 -20.52 -2.24 -1.65
C LEU B 152 -21.29 -2.50 -0.35
N GLU B 153 -22.48 -3.06 -0.51
CA GLU B 153 -23.31 -3.45 0.62
C GLU B 153 -22.86 -4.79 1.16
N VAL B 154 -22.87 -4.94 2.49
CA VAL B 154 -22.42 -6.16 3.14
C VAL B 154 -23.60 -6.84 3.80
N ARG B 155 -23.80 -8.12 3.48
CA ARG B 155 -24.86 -8.95 4.05
C ARG B 155 -24.23 -10.15 4.77
N GLU B 156 -24.84 -10.56 5.87
CA GLU B 156 -24.30 -11.65 6.68
C GLU B 156 -25.06 -12.94 6.45
N TYR B 157 -24.34 -14.05 6.35
CA TYR B 157 -24.95 -15.37 6.39
C TYR B 157 -24.62 -16.08 7.70
N ALA B 158 -25.45 -17.06 8.05
CA ALA B 158 -25.27 -17.80 9.29
C ALA B 158 -24.13 -18.80 9.12
N TYR B 159 -23.42 -19.08 10.21
CA TYR B 159 -22.24 -19.92 10.13
C TYR B 159 -22.07 -20.78 11.38
N TYR B 160 -21.97 -20.13 12.54
CA TYR B 160 -21.57 -20.79 13.78
C TYR B 160 -22.80 -21.13 14.60
N ASP B 161 -22.87 -22.38 15.07
CA ASP B 161 -23.81 -22.80 16.11
C ASP B 161 -23.15 -22.58 17.46
N ALA B 162 -23.61 -21.57 18.20
CA ALA B 162 -22.98 -21.23 19.48
C ALA B 162 -23.25 -22.26 20.57
N GLU B 163 -24.43 -22.89 20.58
CA GLU B 163 -24.70 -23.90 21.60
C GLU B 163 -23.76 -25.09 21.45
N ASN B 164 -23.59 -25.59 20.23
CA ASN B 164 -22.85 -26.82 19.99
C ASN B 164 -21.42 -26.59 19.50
N HIS B 165 -20.99 -25.34 19.38
CA HIS B 165 -19.63 -25.00 18.97
C HIS B 165 -19.26 -25.70 17.66
N THR B 166 -20.18 -25.63 16.69
CA THR B 166 -20.03 -26.36 15.45
C THR B 166 -20.51 -25.51 14.29
N LEU B 167 -20.23 -25.99 13.09
CA LEU B 167 -20.74 -25.38 11.86
C LEU B 167 -22.21 -25.72 11.70
N ASP B 168 -23.06 -24.68 11.61
CA ASP B 168 -24.49 -24.88 11.35
C ASP B 168 -24.67 -24.87 9.83
N PHE B 169 -24.41 -26.03 9.21
CA PHE B 169 -24.43 -26.10 7.76
C PHE B 169 -25.82 -25.80 7.21
N ASP B 170 -26.87 -26.22 7.92
CA ASP B 170 -28.23 -25.98 7.45
C ASP B 170 -28.57 -24.49 7.49
N ALA B 171 -28.30 -23.83 8.62
CA ALA B 171 -28.50 -22.40 8.71
C ALA B 171 -27.74 -21.66 7.62
N LEU B 172 -26.51 -22.06 7.35
CA LEU B 172 -25.69 -21.41 6.32
C LEU B 172 -26.36 -21.47 4.97
N ILE B 173 -26.82 -22.67 4.57
CA ILE B 173 -27.39 -22.84 3.24
C ILE B 173 -28.74 -22.14 3.16
N ASN B 174 -29.50 -22.15 4.24
CA ASN B 174 -30.75 -21.40 4.25
C ASN B 174 -30.50 -19.91 4.13
N SER B 175 -29.52 -19.38 4.88
CA SER B 175 -29.22 -17.96 4.80
C SER B 175 -28.84 -17.55 3.38
N LEU B 176 -28.02 -18.37 2.72
CA LEU B 176 -27.47 -18.04 1.41
C LEU B 176 -28.46 -18.23 0.27
N ASN B 177 -29.63 -18.81 0.53
CA ASN B 177 -30.63 -18.86 -0.53
C ASN B 177 -31.17 -17.47 -0.86
N GLU B 178 -30.94 -16.50 0.03
CA GLU B 178 -31.31 -15.13 -0.25
C GLU B 178 -30.28 -14.41 -1.11
N ALA B 179 -29.09 -14.98 -1.31
CA ALA B 179 -28.08 -14.35 -2.15
C ALA B 179 -28.44 -14.57 -3.61
N GLN B 180 -28.44 -13.49 -4.39
CA GLN B 180 -28.89 -13.53 -5.76
C GLN B 180 -27.72 -13.76 -6.72
N ALA B 181 -28.03 -14.03 -7.98
CA ALA B 181 -26.98 -14.22 -8.96
C ALA B 181 -26.23 -12.92 -9.18
N GLY B 182 -24.91 -13.03 -9.30
CA GLY B 182 -24.08 -11.85 -9.41
C GLY B 182 -23.74 -11.18 -8.09
N ASP B 183 -24.18 -11.73 -6.97
CA ASP B 183 -23.66 -11.33 -5.67
C ASP B 183 -22.30 -11.99 -5.45
N VAL B 184 -21.48 -11.36 -4.62
CA VAL B 184 -20.20 -11.93 -4.19
C VAL B 184 -20.42 -12.61 -2.84
N VAL B 185 -19.94 -13.84 -2.71
CA VAL B 185 -19.98 -14.58 -1.46
C VAL B 185 -18.54 -14.82 -1.02
N LEU B 186 -18.21 -14.34 0.18
CA LEU B 186 -16.86 -14.44 0.72
C LEU B 186 -16.73 -15.67 1.61
N PHE B 187 -15.76 -16.53 1.30
CA PHE B 187 -15.42 -17.71 2.09
C PHE B 187 -14.00 -17.59 2.64
N HIS B 188 -13.80 -18.00 3.88
CA HIS B 188 -12.45 -18.18 4.40
C HIS B 188 -11.91 -19.51 3.88
N GLY B 189 -10.72 -19.47 3.25
CA GLY B 189 -10.17 -20.69 2.68
C GLY B 189 -9.98 -21.79 3.70
N CYS B 190 -9.47 -21.44 4.88
CA CYS B 190 -9.20 -22.37 5.96
C CYS B 190 -8.96 -21.54 7.23
N CYS B 191 -9.00 -22.21 8.36
CA CYS B 191 -8.83 -21.56 9.66
C CYS B 191 -9.74 -20.35 9.78
N HIS B 192 -11.04 -20.61 9.76
CA HIS B 192 -12.01 -19.54 9.80
C HIS B 192 -11.74 -18.60 10.98
N ASN B 193 -11.76 -17.30 10.70
CA ASN B 193 -11.52 -16.26 11.68
C ASN B 193 -12.84 -15.58 11.97
N PRO B 194 -13.39 -15.65 13.20
CA PRO B 194 -12.76 -16.11 14.43
C PRO B 194 -13.03 -17.51 14.97
N THR B 195 -13.83 -18.35 14.31
CA THR B 195 -14.34 -19.55 14.98
C THR B 195 -13.40 -20.75 14.92
N GLY B 196 -12.48 -20.79 13.95
CA GLY B 196 -11.63 -21.93 13.74
C GLY B 196 -12.32 -23.16 13.19
N ILE B 197 -13.58 -23.05 12.80
CA ILE B 197 -14.36 -24.17 12.28
C ILE B 197 -14.47 -24.02 10.77
N ASP B 198 -14.01 -25.04 10.05
CA ASP B 198 -13.99 -25.04 8.59
C ASP B 198 -14.94 -26.10 8.02
N PRO B 199 -15.45 -25.90 6.80
CA PRO B 199 -16.18 -26.99 6.15
C PRO B 199 -15.26 -28.18 5.91
N THR B 200 -15.84 -29.38 6.02
CA THR B 200 -15.22 -30.58 5.51
C THR B 200 -15.11 -30.51 3.98
N LEU B 201 -14.32 -31.40 3.40
CA LEU B 201 -14.23 -31.40 1.94
C LEU B 201 -15.61 -31.60 1.32
N GLU B 202 -16.40 -32.51 1.89
CA GLU B 202 -17.73 -32.77 1.36
C GLU B 202 -18.59 -31.52 1.40
N GLN B 203 -18.54 -30.77 2.50
CA GLN B 203 -19.34 -29.55 2.59
C GLN B 203 -18.86 -28.52 1.59
N TRP B 204 -17.54 -28.42 1.38
CA TRP B 204 -17.01 -27.56 0.33
C TRP B 204 -17.57 -27.95 -1.04
N GLN B 205 -17.52 -29.25 -1.38
CA GLN B 205 -18.03 -29.68 -2.68
C GLN B 205 -19.50 -29.33 -2.83
N THR B 206 -20.27 -29.48 -1.75
CA THR B 206 -21.68 -29.09 -1.77
C THR B 206 -21.84 -27.61 -2.07
N LEU B 207 -21.07 -26.76 -1.37
CA LEU B 207 -21.17 -25.33 -1.60
C LEU B 207 -20.74 -24.97 -3.01
N ALA B 208 -19.71 -25.65 -3.53
CA ALA B 208 -19.25 -25.34 -4.87
C ALA B 208 -20.32 -25.61 -5.91
N GLN B 209 -21.00 -26.76 -5.81
CA GLN B 209 -22.08 -27.06 -6.73
C GLN B 209 -23.22 -26.05 -6.57
N LEU B 210 -23.66 -25.84 -5.34
CA LEU B 210 -24.67 -24.82 -5.07
C LEU B 210 -24.24 -23.46 -5.60
N SER B 211 -22.94 -23.17 -5.54
CA SER B 211 -22.45 -21.87 -5.99
C SER B 211 -22.66 -21.67 -7.49
N VAL B 212 -22.39 -22.70 -8.30
CA VAL B 212 -22.56 -22.52 -9.74
C VAL B 212 -24.04 -22.42 -10.10
N GLU B 213 -24.89 -23.16 -9.38
CA GLU B 213 -26.32 -23.15 -9.69
C GLU B 213 -26.93 -21.78 -9.45
N LYS B 214 -26.58 -21.13 -8.34
CA LYS B 214 -27.16 -19.84 -8.02
C LYS B 214 -26.47 -18.68 -8.73
N GLY B 215 -25.31 -18.91 -9.34
CA GLY B 215 -24.61 -17.83 -10.01
C GLY B 215 -23.88 -16.87 -9.10
N TRP B 216 -23.30 -17.36 -8.01
CA TRP B 216 -22.51 -16.50 -7.14
C TRP B 216 -21.11 -16.31 -7.70
N LEU B 217 -20.50 -15.18 -7.36
CA LEU B 217 -19.10 -14.95 -7.62
C LEU B 217 -18.33 -15.22 -6.35
N PRO B 218 -17.63 -16.35 -6.22
CA PRO B 218 -16.92 -16.62 -4.97
C PRO B 218 -15.66 -15.79 -4.83
N LEU B 219 -15.45 -15.28 -3.61
CA LEU B 219 -14.25 -14.56 -3.20
C LEU B 219 -13.69 -15.30 -1.99
N PHE B 220 -12.48 -15.86 -2.15
CA PHE B 220 -11.82 -16.57 -1.07
C PHE B 220 -10.78 -15.67 -0.39
N ASP B 221 -10.83 -15.60 0.93
CA ASP B 221 -9.85 -14.92 1.76
C ASP B 221 -8.98 -16.01 2.38
N PHE B 222 -7.70 -16.02 2.04
N PHE B 222 -7.71 -16.05 1.98
CA PHE B 222 -6.79 -17.15 2.34
CA PHE B 222 -6.77 -17.11 2.31
C PHE B 222 -5.59 -16.58 3.09
C PHE B 222 -5.60 -16.48 3.09
N ALA B 223 -5.77 -16.29 4.39
CA ALA B 223 -4.70 -15.73 5.21
C ALA B 223 -3.91 -16.73 6.04
N TYR B 224 -4.30 -18.01 6.04
CA TYR B 224 -3.73 -19.00 6.96
C TYR B 224 -3.38 -20.30 6.28
N GLN B 225 -3.03 -20.23 5.00
CA GLN B 225 -2.70 -21.47 4.30
C GLN B 225 -1.53 -22.13 5.00
N GLY B 226 -1.71 -23.38 5.41
CA GLY B 226 -0.69 -24.15 6.09
C GLY B 226 -0.86 -24.27 7.58
N PHE B 227 -1.79 -23.51 8.17
CA PHE B 227 -2.00 -23.59 9.60
C PHE B 227 -3.05 -24.61 10.03
N ALA B 228 -3.83 -25.18 9.12
CA ALA B 228 -4.83 -26.15 9.52
C ALA B 228 -4.28 -27.57 9.46
N ARG B 229 -3.93 -28.04 8.27
CA ARG B 229 -3.36 -29.37 8.09
C ARG B 229 -2.05 -29.36 7.32
N GLY B 230 -1.95 -28.54 6.30
CA GLY B 230 -0.79 -28.53 5.45
C GLY B 230 -1.07 -27.59 4.30
N LEU B 231 -0.01 -27.28 3.56
CA LEU B 231 -0.16 -26.34 2.45
C LEU B 231 -1.17 -26.83 1.43
N GLU B 232 -1.00 -28.06 0.95
CA GLU B 232 -1.91 -28.62 -0.07
C GLU B 232 -3.30 -28.87 0.51
N GLU B 233 -3.38 -29.51 1.67
CA GLU B 233 -4.65 -29.89 2.25
C GLU B 233 -5.55 -28.67 2.51
N ASP B 234 -4.95 -27.55 2.93
CA ASP B 234 -5.72 -26.38 3.29
C ASP B 234 -6.34 -25.68 2.07
N ALA B 235 -5.88 -26.00 0.87
CA ALA B 235 -6.45 -25.43 -0.35
C ALA B 235 -7.50 -26.32 -1.00
N GLU B 236 -7.88 -27.44 -0.38
CA GLU B 236 -8.79 -28.36 -1.06
C GLU B 236 -10.14 -27.70 -1.33
N GLY B 237 -10.62 -26.89 -0.39
CA GLY B 237 -11.94 -26.29 -0.57
C GLY B 237 -11.94 -25.32 -1.73
N LEU B 238 -10.87 -24.53 -1.85
CA LEU B 238 -10.72 -23.63 -2.99
C LEU B 238 -10.57 -24.41 -4.29
N ARG B 239 -9.79 -25.49 -4.28
CA ARG B 239 -9.57 -26.23 -5.52
C ARG B 239 -10.84 -26.91 -6.00
N ALA B 240 -11.75 -27.26 -5.09
CA ALA B 240 -13.05 -27.77 -5.52
C ALA B 240 -13.87 -26.68 -6.20
N PHE B 241 -13.86 -25.47 -5.64
CA PHE B 241 -14.51 -24.36 -6.33
C PHE B 241 -13.88 -24.12 -7.69
N ALA B 242 -12.55 -24.16 -7.77
CA ALA B 242 -11.85 -23.79 -9.00
C ALA B 242 -12.15 -24.75 -10.14
N ALA B 243 -12.47 -26.00 -9.82
CA ALA B 243 -12.76 -27.02 -10.83
C ALA B 243 -14.12 -26.82 -11.47
N MET B 244 -14.99 -26.00 -10.86
CA MET B 244 -16.36 -25.85 -11.33
C MET B 244 -16.70 -24.45 -11.83
N HIS B 245 -15.99 -23.43 -11.38
CA HIS B 245 -16.38 -22.05 -11.63
C HIS B 245 -15.65 -21.47 -12.83
N LYS B 246 -16.37 -20.63 -13.58
CA LYS B 246 -15.72 -19.84 -14.62
C LYS B 246 -15.00 -18.64 -14.02
N GLU B 247 -15.51 -18.07 -12.92
CA GLU B 247 -14.96 -16.85 -12.35
C GLU B 247 -14.79 -16.97 -10.85
N LEU B 248 -13.67 -16.48 -10.34
CA LEU B 248 -13.52 -16.37 -8.90
C LEU B 248 -12.34 -15.45 -8.59
N ILE B 249 -12.30 -15.00 -7.33
CA ILE B 249 -11.29 -14.08 -6.82
C ILE B 249 -10.70 -14.70 -5.55
N VAL B 250 -9.38 -14.64 -5.41
CA VAL B 250 -8.70 -15.06 -4.18
C VAL B 250 -7.85 -13.90 -3.68
N ALA B 251 -8.10 -13.47 -2.45
CA ALA B 251 -7.20 -12.57 -1.74
C ALA B 251 -6.41 -13.40 -0.73
N SER B 252 -5.10 -13.43 -0.85
CA SER B 252 -4.28 -14.26 0.02
C SER B 252 -3.21 -13.41 0.68
N SER B 253 -2.69 -13.93 1.80
CA SER B 253 -1.75 -13.20 2.62
C SER B 253 -0.56 -14.09 2.98
N TYR B 254 0.62 -13.49 3.00
CA TYR B 254 1.81 -14.14 3.53
C TYR B 254 2.24 -13.58 4.87
N SER B 255 1.44 -12.70 5.47
CA SER B 255 1.80 -12.11 6.75
C SER B 255 2.09 -13.18 7.80
N LYS B 256 1.23 -14.19 7.86
CA LYS B 256 1.24 -15.12 8.97
C LYS B 256 2.01 -16.38 8.67
N ASN B 257 1.84 -16.98 7.49
CA ASN B 257 2.62 -18.17 7.24
C ASN B 257 4.09 -17.90 6.93
N PHE B 258 4.49 -16.63 6.74
CA PHE B 258 5.92 -16.27 6.68
C PHE B 258 6.37 -15.38 7.83
N GLY B 259 5.49 -15.05 8.76
CA GLY B 259 5.85 -14.09 9.81
C GLY B 259 6.34 -12.77 9.27
N LEU B 260 5.74 -12.29 8.19
CA LEU B 260 6.17 -11.09 7.49
C LEU B 260 5.19 -9.94 7.64
N TYR B 261 4.51 -9.88 8.80
CA TYR B 261 3.37 -9.00 8.99
C TYR B 261 3.58 -7.59 8.49
N ASN B 262 4.64 -6.93 8.97
CA ASN B 262 4.80 -5.50 8.71
C ASN B 262 5.42 -5.20 7.37
N GLU B 263 5.75 -6.19 6.55
CA GLU B 263 6.25 -5.92 5.21
C GLU B 263 5.14 -5.88 4.17
N ARG B 264 3.93 -6.29 4.54
CA ARG B 264 2.70 -6.20 3.74
C ARG B 264 2.85 -6.96 2.44
N VAL B 265 2.74 -8.28 2.52
CA VAL B 265 2.93 -9.18 1.39
C VAL B 265 1.64 -9.95 1.20
N GLY B 266 0.94 -9.66 0.12
CA GLY B 266 -0.21 -10.47 -0.23
C GLY B 266 -0.45 -10.50 -1.72
N ALA B 267 -1.56 -11.11 -2.13
CA ALA B 267 -1.88 -11.23 -3.54
C ALA B 267 -3.38 -11.20 -3.78
N CYS B 268 -3.77 -10.65 -4.92
CA CYS B 268 -5.14 -10.72 -5.39
C CYS B 268 -5.12 -11.47 -6.72
N THR B 269 -5.80 -12.60 -6.78
CA THR B 269 -5.79 -13.43 -7.97
C THR B 269 -7.18 -13.46 -8.60
N LEU B 270 -7.21 -13.18 -9.90
CA LEU B 270 -8.44 -13.11 -10.68
C LEU B 270 -8.47 -14.33 -11.58
N VAL B 271 -9.63 -14.98 -11.63
CA VAL B 271 -9.88 -16.09 -12.54
C VAL B 271 -11.10 -15.75 -13.39
N ALA B 272 -11.00 -16.01 -14.70
CA ALA B 272 -12.10 -15.79 -15.64
C ALA B 272 -12.28 -17.02 -16.51
N ALA B 273 -13.27 -16.97 -17.40
CA ALA B 273 -13.58 -18.16 -18.19
C ALA B 273 -12.47 -18.51 -19.17
N ASP B 274 -11.78 -17.51 -19.72
CA ASP B 274 -10.71 -17.75 -20.66
C ASP B 274 -9.66 -16.66 -20.53
N SER B 275 -8.57 -16.84 -21.28
CA SER B 275 -7.42 -15.95 -21.18
C SER B 275 -7.76 -14.54 -21.65
N GLU B 276 -8.60 -14.42 -22.69
CA GLU B 276 -8.90 -13.10 -23.21
C GLU B 276 -9.71 -12.30 -22.19
N THR B 277 -10.70 -12.93 -21.56
CA THR B 277 -11.50 -12.22 -20.57
C THR B 277 -10.68 -11.85 -19.35
N VAL B 278 -9.83 -12.75 -18.85
CA VAL B 278 -9.12 -12.41 -17.62
C VAL B 278 -8.12 -11.28 -17.85
N ASP B 279 -7.52 -11.20 -19.05
CA ASP B 279 -6.62 -10.09 -19.35
C ASP B 279 -7.38 -8.77 -19.41
N ARG B 280 -8.56 -8.77 -20.04
CA ARG B 280 -9.41 -7.60 -20.07
C ARG B 280 -9.79 -7.18 -18.65
N ALA B 281 -10.21 -8.14 -17.82
CA ALA B 281 -10.56 -7.81 -16.45
C ALA B 281 -9.34 -7.34 -15.66
N PHE B 282 -8.20 -8.00 -15.86
CA PHE B 282 -7.00 -7.64 -15.12
C PHE B 282 -6.49 -6.25 -15.48
N SER B 283 -6.76 -5.77 -16.71
CA SER B 283 -6.34 -4.42 -17.03
C SER B 283 -7.05 -3.40 -16.17
N GLN B 284 -8.33 -3.64 -15.84
CA GLN B 284 -9.03 -2.72 -14.95
C GLN B 284 -8.62 -2.91 -13.50
N MET B 285 -8.19 -4.11 -13.12
CA MET B 285 -7.66 -4.26 -11.76
C MET B 285 -6.36 -3.48 -11.62
N LYS B 286 -5.53 -3.45 -12.67
CA LYS B 286 -4.31 -2.65 -12.63
C LYS B 286 -4.62 -1.17 -12.53
N ALA B 287 -5.64 -0.71 -13.27
CA ALA B 287 -6.06 0.68 -13.16
C ALA B 287 -6.48 1.01 -11.74
N ALA B 288 -7.20 0.09 -11.08
CA ALA B 288 -7.63 0.36 -9.70
C ALA B 288 -6.44 0.40 -8.74
N ILE B 289 -5.41 -0.40 -9.02
CA ILE B 289 -4.18 -0.34 -8.23
C ILE B 289 -3.44 0.97 -8.48
N ARG B 290 -3.34 1.35 -9.76
CA ARG B 290 -2.64 2.58 -10.13
C ARG B 290 -3.19 3.80 -9.39
N ALA B 291 -4.51 3.86 -9.19
CA ALA B 291 -5.14 4.98 -8.49
C ALA B 291 -5.13 4.83 -6.96
N ASN B 292 -4.47 3.79 -6.45
CA ASN B 292 -4.39 3.56 -5.01
C ASN B 292 -2.94 3.79 -4.62
N TYR B 293 -2.08 2.77 -4.64
CA TYR B 293 -0.69 2.90 -4.20
C TYR B 293 0.30 2.80 -5.37
N SER B 294 -0.20 2.68 -6.60
N SER B 294 -0.19 2.68 -6.61
CA SER B 294 0.54 2.66 -7.86
CA SER B 294 0.58 2.73 -7.86
C SER B 294 1.29 1.36 -8.12
C SER B 294 1.36 1.45 -8.15
N SER B 295 2.20 0.99 -7.22
CA SER B 295 2.92 -0.27 -7.37
C SER B 295 3.30 -0.78 -5.99
N PRO B 296 3.45 -2.09 -5.81
CA PRO B 296 3.49 -2.66 -4.45
C PRO B 296 4.91 -2.68 -3.89
N PRO B 297 5.06 -2.83 -2.57
CA PRO B 297 6.39 -2.78 -1.97
C PRO B 297 7.21 -4.05 -2.24
N ALA B 298 8.48 -3.86 -2.56
CA ALA B 298 9.27 -4.97 -3.08
C ALA B 298 9.81 -5.90 -1.98
N HIS B 299 10.26 -5.35 -0.84
CA HIS B 299 11.13 -6.14 0.03
C HIS B 299 10.46 -7.44 0.49
N GLY B 300 9.24 -7.36 1.01
CA GLY B 300 8.58 -8.54 1.53
C GLY B 300 8.30 -9.60 0.48
N ALA B 301 7.79 -9.18 -0.68
CA ALA B 301 7.50 -10.10 -1.78
C ALA B 301 8.77 -10.72 -2.36
N SER B 302 9.87 -9.95 -2.41
CA SER B 302 11.13 -10.51 -2.88
C SER B 302 11.60 -11.63 -1.95
N VAL B 303 11.42 -11.45 -0.65
CA VAL B 303 11.76 -12.48 0.32
C VAL B 303 10.95 -13.74 0.04
N VAL B 304 9.64 -13.60 -0.10
CA VAL B 304 8.78 -14.75 -0.37
C VAL B 304 9.21 -15.45 -1.66
N ALA B 305 9.42 -14.68 -2.73
CA ALA B 305 9.74 -15.30 -4.00
C ALA B 305 11.11 -15.95 -3.99
N THR B 306 12.08 -15.34 -3.28
CA THR B 306 13.37 -16.00 -3.11
C THR B 306 13.21 -17.33 -2.39
N ILE B 307 12.35 -17.38 -1.37
CA ILE B 307 12.22 -18.61 -0.60
C ILE B 307 11.52 -19.69 -1.41
N LEU B 308 10.42 -19.35 -2.07
CA LEU B 308 9.65 -20.36 -2.77
C LEU B 308 10.37 -20.88 -4.01
N SER B 309 11.27 -20.09 -4.58
N SER B 309 11.28 -20.09 -4.57
CA SER B 309 11.97 -20.44 -5.80
CA SER B 309 11.96 -20.47 -5.81
C SER B 309 13.25 -21.23 -5.56
C SER B 309 13.30 -21.15 -5.58
N ASN B 310 13.70 -21.33 -4.33
CA ASN B 310 14.95 -21.99 -3.98
C ASN B 310 14.65 -23.21 -3.11
N ASP B 311 15.04 -24.39 -3.59
CA ASP B 311 14.60 -25.63 -2.97
C ASP B 311 15.10 -25.77 -1.54
N ALA B 312 16.33 -25.32 -1.29
CA ALA B 312 16.88 -25.43 0.06
C ALA B 312 16.20 -24.47 1.02
N LEU B 313 15.87 -23.25 0.55
CA LEU B 313 15.18 -22.31 1.43
C LEU B 313 13.74 -22.75 1.65
N ARG B 314 13.08 -23.21 0.59
CA ARG B 314 11.70 -23.66 0.73
C ARG B 314 11.60 -24.77 1.77
N ALA B 315 12.56 -25.71 1.73
CA ALA B 315 12.58 -26.81 2.69
C ALA B 315 12.70 -26.30 4.12
N ILE B 316 13.59 -25.32 4.35
CA ILE B 316 13.68 -24.73 5.69
C ILE B 316 12.34 -24.10 6.07
N TRP B 317 11.76 -23.30 5.17
CA TRP B 317 10.52 -22.59 5.48
C TRP B 317 9.39 -23.56 5.77
N GLU B 318 9.25 -24.60 4.95
CA GLU B 318 8.17 -25.56 5.17
C GLU B 318 8.31 -26.27 6.51
N GLN B 319 9.54 -26.50 6.97
CA GLN B 319 9.72 -27.07 8.29
C GLN B 319 9.37 -26.06 9.38
N GLU B 320 9.70 -24.79 9.17
CA GLU B 320 9.36 -23.78 10.17
C GLU B 320 7.86 -23.59 10.29
N LEU B 321 7.15 -23.68 9.17
CA LEU B 321 5.69 -23.59 9.20
C LEU B 321 5.07 -24.81 9.90
N THR B 322 5.59 -26.01 9.60
CA THR B 322 5.14 -27.20 10.32
C THR B 322 5.34 -27.02 11.82
N ASP B 323 6.49 -26.48 12.24
CA ASP B 323 6.73 -26.29 13.67
C ASP B 323 5.74 -25.30 14.28
N MET B 324 5.42 -24.22 13.56
N MET B 324 5.38 -24.25 13.54
CA MET B 324 4.42 -23.29 14.08
CA MET B 324 4.42 -23.28 14.07
C MET B 324 3.08 -24.01 14.25
C MET B 324 3.03 -23.90 14.19
N ARG B 325 2.64 -24.72 13.21
CA ARG B 325 1.35 -25.40 13.27
C ARG B 325 1.25 -26.38 14.43
N GLN B 326 2.29 -27.18 14.63
CA GLN B 326 2.28 -28.17 15.70
C GLN B 326 2.36 -27.51 17.08
N ARG B 327 3.11 -26.40 17.19
CA ARG B 327 3.14 -25.71 18.46
C ARG B 327 1.76 -25.22 18.85
N ILE B 328 1.00 -24.70 17.87
CA ILE B 328 -0.36 -24.27 18.14
C ILE B 328 -1.23 -25.44 18.58
N GLN B 329 -1.03 -26.60 17.95
CA GLN B 329 -1.83 -27.78 18.30
C GLN B 329 -1.53 -28.24 19.73
N ARG B 330 -0.26 -28.19 20.13
CA ARG B 330 0.10 -28.57 21.49
C ARG B 330 -0.50 -27.59 22.50
N MET B 331 -0.56 -26.31 22.15
CA MET B 331 -1.15 -25.33 23.07
C MET B 331 -2.66 -25.54 23.20
N ARG B 332 -3.36 -25.88 22.11
CA ARG B 332 -4.79 -26.16 22.25
C ARG B 332 -5.03 -27.26 23.28
N GLN B 333 -4.23 -28.33 23.21
CA GLN B 333 -4.37 -29.44 24.15
C GLN B 333 -4.04 -28.98 25.57
N LEU B 334 -2.91 -28.29 25.71
CA LEU B 334 -2.48 -27.85 27.03
C LEU B 334 -3.51 -26.91 27.66
N PHE B 335 -4.11 -26.05 26.83
CA PHE B 335 -5.11 -25.10 27.31
C PHE B 335 -6.30 -25.83 27.91
N VAL B 336 -6.80 -26.85 27.20
CA VAL B 336 -7.96 -27.59 27.67
C VAL B 336 -7.63 -28.34 28.96
N ASN B 337 -6.48 -29.01 28.99
CA ASN B 337 -6.13 -29.78 30.18
C ASN B 337 -5.90 -28.85 31.38
N THR B 338 -5.28 -27.70 31.15
CA THR B 338 -4.97 -26.80 32.26
C THR B 338 -6.23 -26.14 32.81
N LEU B 339 -7.19 -25.83 31.94
CA LEU B 339 -8.47 -25.32 32.42
C LEU B 339 -9.13 -26.29 33.41
N GLN B 340 -9.11 -27.59 33.09
CA GLN B 340 -9.73 -28.56 34.00
C GLN B 340 -8.96 -28.64 35.31
N GLU B 341 -7.63 -28.55 35.23
CA GLU B 341 -6.80 -28.60 36.44
C GLU B 341 -7.04 -27.39 37.33
N LYS B 342 -7.32 -26.23 36.74
CA LYS B 342 -7.52 -25.00 37.51
C LYS B 342 -8.94 -24.81 38.01
N GLY B 343 -9.81 -25.79 37.78
CA GLY B 343 -11.12 -25.79 38.40
C GLY B 343 -12.26 -25.30 37.54
N ALA B 344 -12.10 -25.24 36.23
CA ALA B 344 -13.22 -24.91 35.36
C ALA B 344 -14.20 -26.07 35.36
N ASN B 345 -15.48 -25.77 35.41
CA ASN B 345 -16.42 -26.88 35.33
C ASN B 345 -17.05 -27.05 33.96
N ARG B 346 -17.04 -25.99 33.14
CA ARG B 346 -17.46 -26.14 31.75
C ARG B 346 -16.53 -27.12 31.03
N ASP B 347 -17.05 -27.74 29.98
CA ASP B 347 -16.28 -28.59 29.08
C ASP B 347 -15.76 -27.74 27.94
N PHE B 348 -14.43 -27.66 27.79
CA PHE B 348 -13.81 -26.88 26.73
C PHE B 348 -13.24 -27.76 25.63
N SER B 349 -13.70 -29.02 25.56
N SER B 349 -13.71 -29.01 25.54
CA SER B 349 -13.19 -29.96 24.57
CA SER B 349 -13.16 -29.95 24.57
C SER B 349 -13.29 -29.44 23.15
C SER B 349 -13.31 -29.46 23.14
N PHE B 350 -14.28 -28.59 22.87
CA PHE B 350 -14.48 -28.11 21.51
C PHE B 350 -13.27 -27.33 20.99
N ILE B 351 -12.48 -26.73 21.88
CA ILE B 351 -11.25 -26.04 21.47
C ILE B 351 -10.35 -26.96 20.67
N ILE B 352 -10.36 -28.25 21.00
CA ILE B 352 -9.43 -29.19 20.34
C ILE B 352 -9.80 -29.38 18.87
N LYS B 353 -11.07 -29.21 18.51
CA LYS B 353 -11.55 -29.43 17.15
C LYS B 353 -11.48 -28.19 16.27
N GLN B 354 -10.96 -27.08 16.78
CA GLN B 354 -10.83 -25.85 16.03
C GLN B 354 -9.41 -25.74 15.47
N ASN B 355 -9.32 -25.10 14.31
CA ASN B 355 -8.11 -25.03 13.50
C ASN B 355 -7.56 -23.61 13.47
N GLY B 356 -6.25 -23.48 13.50
CA GLY B 356 -5.61 -22.21 13.27
C GLY B 356 -5.21 -21.54 14.58
N MET B 357 -5.11 -20.21 14.50
CA MET B 357 -4.63 -19.43 15.63
C MET B 357 -5.72 -19.14 16.65
N PHE B 358 -6.96 -19.07 16.21
CA PHE B 358 -8.02 -18.54 17.04
C PHE B 358 -9.02 -19.61 17.45
N SER B 359 -9.42 -19.55 18.71
CA SER B 359 -10.63 -20.21 19.17
C SER B 359 -11.65 -19.19 19.65
N PHE B 360 -12.92 -19.51 19.40
CA PHE B 360 -14.04 -18.84 20.04
C PHE B 360 -14.21 -19.47 21.41
N SER B 361 -13.94 -18.69 22.47
CA SER B 361 -13.88 -19.23 23.82
C SER B 361 -15.23 -19.42 24.48
N GLY B 362 -16.28 -18.72 24.01
CA GLY B 362 -17.55 -18.74 24.67
C GLY B 362 -17.71 -17.74 25.79
N LEU B 363 -16.62 -17.07 26.18
CA LEU B 363 -16.72 -16.01 27.16
C LEU B 363 -17.61 -14.89 26.64
N THR B 364 -18.32 -14.26 27.56
CA THR B 364 -19.14 -13.11 27.23
C THR B 364 -18.28 -11.85 27.17
N LYS B 365 -18.90 -10.79 26.64
CA LYS B 365 -18.26 -9.48 26.62
C LYS B 365 -17.89 -9.02 28.03
N GLU B 366 -18.78 -9.24 29.00
CA GLU B 366 -18.49 -8.81 30.37
C GLU B 366 -17.31 -9.59 30.96
N GLN B 367 -17.23 -10.89 30.71
CA GLN B 367 -16.12 -11.68 31.21
C GLN B 367 -14.81 -11.25 30.56
N VAL B 368 -14.83 -10.97 29.26
CA VAL B 368 -13.64 -10.48 28.58
C VAL B 368 -13.18 -9.16 29.18
N LEU B 369 -14.14 -8.28 29.49
CA LEU B 369 -13.77 -7.02 30.09
C LEU B 369 -13.11 -7.23 31.45
N ARG B 370 -13.65 -8.15 32.26
CA ARG B 370 -13.03 -8.43 33.54
C ARG B 370 -11.62 -8.98 33.36
N LEU B 371 -11.45 -9.95 32.45
CA LEU B 371 -10.12 -10.53 32.24
C LEU B 371 -9.08 -9.44 32.00
N ARG B 372 -9.45 -8.42 31.23
CA ARG B 372 -8.52 -7.34 30.94
C ARG B 372 -8.31 -6.45 32.17
N GLU B 373 -9.40 -5.93 32.75
N GLU B 373 -9.40 -5.95 32.75
CA GLU B 373 -9.23 -4.93 33.79
CA GLU B 373 -9.27 -4.93 33.80
C GLU B 373 -8.66 -5.52 35.07
C GLU B 373 -8.67 -5.52 35.06
N GLU B 374 -9.16 -6.68 35.49
CA GLU B 374 -8.70 -7.24 36.75
C GLU B 374 -7.46 -8.11 36.63
N PHE B 375 -7.24 -8.75 35.49
CA PHE B 375 -6.15 -9.72 35.37
C PHE B 375 -5.12 -9.39 34.29
N GLY B 376 -5.34 -8.36 33.48
CA GLY B 376 -4.39 -8.03 32.43
C GLY B 376 -4.28 -9.05 31.33
N VAL B 377 -5.31 -9.87 31.13
CA VAL B 377 -5.41 -10.82 30.01
C VAL B 377 -6.25 -10.19 28.92
N TYR B 378 -5.67 -10.02 27.74
CA TYR B 378 -6.30 -9.26 26.66
C TYR B 378 -6.84 -10.21 25.58
N ALA B 379 -8.16 -10.22 25.44
CA ALA B 379 -8.84 -10.94 24.38
C ALA B 379 -9.79 -9.98 23.68
N VAL B 380 -10.20 -10.35 22.46
CA VAL B 380 -11.17 -9.55 21.72
C VAL B 380 -12.55 -9.72 22.32
N ALA B 381 -13.37 -8.66 22.21
CA ALA B 381 -14.64 -8.60 22.94
C ALA B 381 -15.61 -9.71 22.53
N SER B 382 -15.42 -10.28 21.34
CA SER B 382 -16.20 -11.43 20.87
C SER B 382 -15.85 -12.72 21.60
N GLY B 383 -14.84 -12.71 22.45
CA GLY B 383 -14.35 -13.91 23.07
C GLY B 383 -13.33 -14.68 22.26
N ARG B 384 -12.91 -14.17 21.11
CA ARG B 384 -11.85 -14.83 20.35
C ARG B 384 -10.53 -14.71 21.11
N VAL B 385 -9.79 -15.82 21.22
CA VAL B 385 -8.50 -15.84 21.84
C VAL B 385 -7.48 -16.37 20.84
N ASN B 386 -6.27 -15.83 20.90
CA ASN B 386 -5.15 -16.25 20.06
C ASN B 386 -4.43 -17.37 20.79
N VAL B 387 -4.64 -18.62 20.37
CA VAL B 387 -3.95 -19.74 21.01
C VAL B 387 -2.45 -19.65 20.79
N ALA B 388 -2.04 -19.06 19.67
CA ALA B 388 -0.62 -18.91 19.38
C ALA B 388 0.06 -17.90 20.29
N GLY B 389 -0.69 -17.13 21.07
CA GLY B 389 -0.08 -16.33 22.12
C GLY B 389 0.09 -17.06 23.44
N MET B 390 -0.34 -18.31 23.51
CA MET B 390 -0.17 -19.11 24.72
C MET B 390 1.18 -19.79 24.73
N THR B 391 1.83 -19.79 25.88
CA THR B 391 3.10 -20.46 26.10
C THR B 391 3.01 -21.33 27.35
N PRO B 392 3.94 -22.29 27.51
CA PRO B 392 3.99 -23.02 28.78
C PRO B 392 4.17 -22.13 30.00
N ASP B 393 4.86 -20.99 29.86
CA ASP B 393 5.06 -20.11 31.00
C ASP B 393 3.82 -19.28 31.36
N ASN B 394 2.99 -18.88 30.39
CA ASN B 394 1.84 -18.06 30.73
C ASN B 394 0.54 -18.86 30.81
N MET B 395 0.58 -20.19 30.64
CA MET B 395 -0.65 -20.96 30.62
C MET B 395 -1.33 -20.96 31.98
N ALA B 396 -0.56 -21.21 33.05
CA ALA B 396 -1.18 -21.31 34.37
C ALA B 396 -1.86 -20.01 34.77
N PRO B 397 -1.21 -18.82 34.71
CA PRO B 397 -1.92 -17.58 35.08
C PRO B 397 -3.14 -17.28 34.22
N LEU B 398 -3.01 -17.45 32.91
CA LEU B 398 -4.12 -17.28 31.98
C LEU B 398 -5.33 -18.12 32.35
N CYS B 399 -5.11 -19.39 32.66
CA CYS B 399 -6.21 -20.28 33.00
C CYS B 399 -6.79 -19.96 34.37
N GLU B 400 -5.94 -19.57 35.33
CA GLU B 400 -6.48 -19.15 36.62
C GLU B 400 -7.39 -17.94 36.47
N ALA B 401 -6.99 -17.00 35.62
CA ALA B 401 -7.80 -15.82 35.37
C ALA B 401 -9.15 -16.18 34.75
N ILE B 402 -9.14 -17.09 33.77
CA ILE B 402 -10.39 -17.47 33.13
C ILE B 402 -11.31 -18.15 34.13
N VAL B 403 -10.78 -19.08 34.93
CA VAL B 403 -11.61 -19.75 35.92
C VAL B 403 -12.18 -18.73 36.89
N ALA B 404 -11.42 -17.68 37.19
CA ALA B 404 -11.91 -16.68 38.14
C ALA B 404 -13.12 -15.90 37.62
N VAL B 405 -13.36 -15.84 36.30
CA VAL B 405 -14.47 -15.05 35.79
C VAL B 405 -15.66 -15.88 35.34
N LEU B 406 -15.53 -17.21 35.30
CA LEU B 406 -16.67 -18.07 34.98
C LEU B 406 -17.71 -17.99 36.09
N1 PLP C . 3.51 13.08 -7.11
C2 PLP C . 4.30 13.57 -8.11
C2A PLP C . 4.18 15.01 -8.51
C3 PLP C . 5.19 12.74 -8.76
O3 PLP C . 5.98 13.27 -9.76
C4 PLP C . 5.31 11.40 -8.40
C4A PLP C . 6.39 10.56 -9.03
O4A PLP C . 6.17 9.39 -9.34
C5 PLP C . 4.50 10.90 -7.37
C6 PLP C . 3.61 11.75 -6.74
C5A PLP C . 4.52 9.45 -6.94
O4P PLP C . 5.54 9.10 -6.04
P PLP C . 5.59 7.61 -5.44
O1P PLP C . 4.22 6.97 -5.26
O2P PLP C . 6.24 7.83 -4.10
O3P PLP C . 6.38 6.71 -6.37
H2A1 PLP C . 4.89 15.23 -9.30
H2A2 PLP C . 4.40 15.64 -7.64
H2A3 PLP C . 3.17 15.21 -8.85
HO3 PLP C . 6.81 12.76 -9.83
H4A PLP C . 7.35 11.03 -9.23
H6 PLP C . 2.98 11.37 -5.94
H5A1 PLP C . 4.63 8.83 -7.82
H5A2 PLP C . 3.57 9.22 -6.47
S SO4 D . 6.83 9.86 -13.15
O1 SO4 D . 6.18 11.14 -13.40
O2 SO4 D . 5.80 8.97 -12.64
O3 SO4 D . 7.93 10.03 -12.19
O4 SO4 D . 7.38 9.30 -14.39
N1 PLP E . -8.16 -11.82 6.19
C2 PLP E . -8.24 -12.54 7.35
C2A PLP E . -9.28 -13.60 7.50
C3 PLP E . -7.33 -12.31 8.38
O3 PLP E . -7.44 -13.05 9.53
C4 PLP E . -6.35 -11.32 8.25
C4A PLP E . -5.43 -11.08 9.43
O4A PLP E . -4.53 -10.24 9.38
C5 PLP E . -6.28 -10.60 7.05
C6 PLP E . -7.19 -10.84 6.05
C5A PLP E . -5.29 -9.49 6.81
O4P PLP E . -4.01 -9.93 6.56
P PLP E . -2.84 -8.87 6.30
O1P PLP E . -3.36 -7.59 5.65
O2P PLP E . -1.90 -9.58 5.36
O3P PLP E . -2.16 -8.57 7.60
H2A1 PLP E . -9.19 -14.06 8.48
H2A2 PLP E . -9.15 -14.36 6.73
H2A3 PLP E . -10.27 -13.15 7.41
HO3 PLP E . -7.33 -12.46 10.31
H4A PLP E . -5.62 -11.63 10.35
H6 PLP E . -7.15 -10.26 5.12
H5A1 PLP E . -5.27 -8.83 7.68
H5A2 PLP E . -5.64 -8.89 5.95
S SO4 F . -6.29 -10.51 13.31
O1 SO4 F . -6.31 -9.22 12.64
O2 SO4 F . -7.51 -11.25 12.98
O3 SO4 F . -6.25 -10.29 14.75
O4 SO4 F . -5.10 -11.24 12.88
#